data_2QAE
#
_entry.id   2QAE
#
_cell.length_a   60.7
_cell.length_b   104.9
_cell.length_c   147.4
_cell.angle_alpha   90
_cell.angle_beta   90
_cell.angle_gamma   90
#
_symmetry.space_group_name_H-M   'P 21 21 21'
#
loop_
_entity.id
_entity.type
_entity.pdbx_description
1 polymer 'Dihydrolipoyl dehydrogenase'
2 non-polymer 'FLAVIN-ADENINE DINUCLEOTIDE'
3 water water
#
_entity_poly.entity_id   1
_entity_poly.type   'polypeptide(L)'
_entity_poly.pdbx_seq_one_letter_code
;NPYDVVVIGGGPGGYVASIKAAQLGMKTACVEKRGALGGTCLNVGCIPSKALLHATHLYHDAHANFARYGLMGGEGVTMD
SAKMQQQKERAVKGLTGGVEYLFKKNKVTYYKGEGSFETAHSIRVNGLDGKQEMLETKKTIIATGSEPTELPFLPFDEKV
VLSSTGALALPRVPKTMVVIGGGVIGLELGSVWARLGAEVTVVEFAPRCAPTLDEDVTNALVGALAKNEKMKFMTSTKVV
GGTNNGDSVSLEVEGKNGKRETVTCEALLVSVGRRPFTGGLGLDKINVAKNERGFVKIGDHFETSIPDVYAIGDVVDKGP
MLAHKAEDEGVACAEILAGKPGHVNYGVIPAVIYTMPEVASVGKSEDELKKEGVAYKVGKFPFNANSRAKAVSTEDGFVK
VLVDKATDRILGVHIVCTTAGELIGEACLAMEYGASSEDVGRTCHAHPTMSEALKEACMALFAKTINF
;
_entity_poly.pdbx_strand_id   A,B
#
# COMPACT_ATOMS: atom_id res chain seq x y z
N ASN A 1 -2.23 45.20 10.43
CA ASN A 1 -0.73 45.05 10.38
C ASN A 1 -0.05 45.69 9.14
N PRO A 2 -0.60 45.53 7.91
CA PRO A 2 -1.79 44.85 7.38
C PRO A 2 -1.38 43.56 6.67
N TYR A 3 -2.32 42.61 6.53
CA TYR A 3 -1.99 41.36 5.87
C TYR A 3 -2.63 41.24 4.51
N ASP A 4 -2.04 40.37 3.70
CA ASP A 4 -2.58 40.08 2.38
C ASP A 4 -3.70 39.05 2.59
N VAL A 5 -3.47 38.10 3.50
CA VAL A 5 -4.46 37.04 3.76
C VAL A 5 -4.52 36.68 5.23
N VAL A 6 -5.73 36.51 5.75
CA VAL A 6 -5.86 36.06 7.12
C VAL A 6 -6.69 34.77 7.04
N VAL A 7 -6.19 33.71 7.66
CA VAL A 7 -6.90 32.43 7.65
C VAL A 7 -7.41 32.18 9.04
N ILE A 8 -8.73 31.93 9.18
CA ILE A 8 -9.30 31.66 10.50
C ILE A 8 -9.52 30.15 10.60
N GLY A 9 -8.71 29.50 11.42
CA GLY A 9 -8.79 28.04 11.59
C GLY A 9 -7.47 27.44 11.18
N GLY A 10 -6.91 26.57 12.03
CA GLY A 10 -5.62 25.97 11.71
C GLY A 10 -5.67 24.48 11.43
N GLY A 11 -6.83 23.98 10.99
CA GLY A 11 -6.94 22.57 10.68
C GLY A 11 -6.31 22.29 9.32
N PRO A 12 -6.47 21.08 8.76
CA PRO A 12 -5.90 20.71 7.45
C PRO A 12 -6.17 21.77 6.37
N GLY A 13 -7.38 22.32 6.42
CA GLY A 13 -7.71 23.34 5.44
C GLY A 13 -6.91 24.62 5.70
N GLY A 14 -7.06 25.20 6.87
CA GLY A 14 -6.35 26.45 7.16
C GLY A 14 -4.83 26.42 7.23
N TYR A 15 -4.25 25.40 7.88
CA TYR A 15 -2.80 25.42 8.00
C TYR A 15 -2.16 25.19 6.62
N VAL A 16 -2.80 24.41 5.75
CA VAL A 16 -2.23 24.22 4.39
C VAL A 16 -2.45 25.48 3.54
N ALA A 17 -3.62 26.10 3.69
CA ALA A 17 -3.86 27.32 2.90
C ALA A 17 -2.83 28.40 3.32
N SER A 18 -2.52 28.45 4.63
CA SER A 18 -1.58 29.42 5.21
C SER A 18 -0.16 29.22 4.67
N ILE A 19 0.30 27.98 4.66
CA ILE A 19 1.63 27.69 4.17
C ILE A 19 1.72 27.96 2.69
N LYS A 20 0.72 27.51 1.93
CA LYS A 20 0.76 27.70 0.51
C LYS A 20 0.72 29.20 0.11
N ALA A 21 -0.13 29.98 0.79
CA ALA A 21 -0.25 31.44 0.51
C ALA A 21 1.10 32.11 0.80
N ALA A 22 1.72 31.75 1.92
CA ALA A 22 3.02 32.29 2.30
C ALA A 22 4.09 31.94 1.27
N GLN A 23 4.05 30.70 0.76
CA GLN A 23 5.02 30.25 -0.20
C GLN A 23 4.84 31.03 -1.49
N LEU A 24 3.59 31.36 -1.84
CA LEU A 24 3.29 32.10 -3.05
C LEU A 24 3.62 33.60 -2.93
N GLY A 25 4.16 34.00 -1.79
CA GLY A 25 4.52 35.39 -1.60
C GLY A 25 3.58 36.28 -0.79
N MET A 26 2.43 35.79 -0.35
CA MET A 26 1.50 36.63 0.40
C MET A 26 1.79 36.73 1.91
N LYS A 27 1.64 37.93 2.44
CA LYS A 27 1.86 38.17 3.85
C LYS A 27 0.63 37.56 4.53
N THR A 28 0.88 36.45 5.23
CA THR A 28 -0.17 35.62 5.79
C THR A 28 -0.20 35.45 7.28
N ALA A 29 -1.40 35.43 7.83
CA ALA A 29 -1.59 35.20 9.25
C ALA A 29 -2.65 34.09 9.39
N CYS A 30 -2.51 33.30 10.45
CA CYS A 30 -3.46 32.23 10.72
C CYS A 30 -3.91 32.40 12.15
N VAL A 31 -5.23 32.41 12.36
CA VAL A 31 -5.81 32.58 13.71
C VAL A 31 -6.43 31.23 14.14
N GLU A 32 -6.03 30.73 15.30
CA GLU A 32 -6.54 29.43 15.79
C GLU A 32 -6.72 29.53 17.29
N LYS A 33 -7.90 29.14 17.76
CA LYS A 33 -8.27 29.24 19.16
C LYS A 33 -7.95 28.09 20.08
N ARG A 34 -7.72 26.91 19.53
CA ARG A 34 -7.46 25.68 20.29
C ARG A 34 -6.22 25.62 21.17
N GLY A 35 -5.15 26.27 20.79
CA GLY A 35 -3.95 26.16 21.60
C GLY A 35 -2.93 25.27 20.89
N ALA A 36 -3.33 24.70 19.75
CA ALA A 36 -2.43 23.84 18.99
C ALA A 36 -2.91 23.87 17.55
N LEU A 37 -2.00 23.68 16.61
CA LEU A 37 -2.39 23.67 15.20
C LEU A 37 -2.81 22.25 14.79
N GLY A 38 -3.36 22.09 13.58
CA GLY A 38 -3.73 20.74 13.14
C GLY A 38 -5.22 20.48 13.13
N GLY A 39 -5.97 21.34 13.80
CA GLY A 39 -7.43 21.26 13.83
C GLY A 39 -7.96 19.95 14.39
N THR A 40 -9.16 19.58 13.93
CA THR A 40 -9.79 18.37 14.39
C THR A 40 -8.96 17.12 14.04
N CYS A 41 -8.49 17.11 12.79
CA CYS A 41 -7.76 15.97 12.25
C CYS A 41 -6.54 15.55 13.05
N LEU A 42 -5.61 16.48 13.27
CA LEU A 42 -4.38 16.13 14.03
C LEU A 42 -4.59 15.92 15.50
N ASN A 43 -5.48 16.72 16.09
CA ASN A 43 -5.68 16.68 17.53
C ASN A 43 -6.66 15.70 18.10
N VAL A 44 -7.84 15.54 17.49
CA VAL A 44 -8.88 14.66 18.06
C VAL A 44 -9.60 13.89 16.95
N GLY A 45 -8.92 13.70 15.81
CA GLY A 45 -9.56 13.04 14.67
C GLY A 45 -8.70 11.98 14.00
N CYS A 46 -8.25 12.30 12.77
CA CYS A 46 -7.45 11.40 11.96
C CYS A 46 -6.30 10.72 12.69
N ILE A 47 -5.42 11.52 13.28
CA ILE A 47 -4.21 10.97 13.87
C ILE A 47 -4.41 10.09 15.09
N PRO A 48 -5.09 10.60 16.13
CA PRO A 48 -5.23 9.72 17.29
C PRO A 48 -6.03 8.46 16.97
N SER A 49 -7.01 8.56 16.08
CA SER A 49 -7.80 7.36 15.74
C SER A 49 -6.92 6.31 14.99
N LYS A 50 -6.14 6.74 14.00
CA LYS A 50 -5.28 5.79 13.30
C LYS A 50 -4.18 5.24 14.25
N ALA A 51 -3.73 6.05 15.21
CA ALA A 51 -2.69 5.56 16.15
C ALA A 51 -3.29 4.42 17.00
N LEU A 52 -4.51 4.60 17.50
CA LEU A 52 -5.14 3.53 18.31
C LEU A 52 -5.55 2.31 17.48
N LEU A 53 -5.99 2.56 16.25
CA LEU A 53 -6.36 1.46 15.37
C LEU A 53 -5.12 0.60 15.11
N HIS A 54 -3.96 1.25 14.93
CA HIS A 54 -2.71 0.49 14.72
C HIS A 54 -2.29 -0.36 15.93
N ALA A 55 -2.23 0.24 17.12
CA ALA A 55 -1.85 -0.47 18.33
C ALA A 55 -2.84 -1.61 18.61
N THR A 56 -4.13 -1.35 18.45
CA THR A 56 -5.11 -2.42 18.73
C THR A 56 -5.10 -3.50 17.66
N HIS A 57 -4.72 -3.15 16.44
CA HIS A 57 -4.63 -4.19 15.42
C HIS A 57 -3.46 -5.14 15.77
N LEU A 58 -2.36 -4.61 16.26
CA LEU A 58 -1.22 -5.46 16.63
C LEU A 58 -1.69 -6.41 17.75
N TYR A 59 -2.42 -5.87 18.70
CA TYR A 59 -2.91 -6.64 19.83
C TYR A 59 -3.83 -7.79 19.36
N HIS A 60 -4.79 -7.47 18.48
CA HIS A 60 -5.71 -8.45 17.96
C HIS A 60 -4.96 -9.59 17.19
N ASP A 61 -4.03 -9.21 16.35
CA ASP A 61 -3.27 -10.19 15.59
C ASP A 61 -2.53 -11.13 16.53
N ALA A 62 -1.93 -10.59 17.59
CA ALA A 62 -1.18 -11.39 18.55
C ALA A 62 -2.08 -12.46 19.16
N HIS A 63 -3.31 -12.09 19.44
CA HIS A 63 -4.24 -13.04 20.04
C HIS A 63 -4.94 -13.95 19.06
N ALA A 64 -5.28 -13.41 17.90
CA ALA A 64 -6.06 -14.18 16.96
C ALA A 64 -5.30 -14.89 15.86
N ASN A 65 -4.21 -14.30 15.40
CA ASN A 65 -3.53 -14.86 14.25
C ASN A 65 -2.11 -15.36 14.41
N PHE A 66 -1.44 -14.96 15.46
CA PHE A 66 -0.07 -15.40 15.63
C PHE A 66 0.17 -16.91 15.49
N ALA A 67 -0.66 -17.71 16.14
CA ALA A 67 -0.47 -19.17 16.10
C ALA A 67 -0.45 -19.77 14.68
N ARG A 68 -1.28 -19.25 13.79
CA ARG A 68 -1.33 -19.75 12.41
C ARG A 68 0.02 -19.68 11.69
N TYR A 69 0.81 -18.64 11.99
CA TYR A 69 2.11 -18.47 11.36
C TYR A 69 3.26 -19.17 12.04
N GLY A 70 2.99 -19.74 13.24
CA GLY A 70 4.01 -20.45 14.00
C GLY A 70 4.50 -19.69 15.22
N LEU A 71 3.89 -18.53 15.51
CA LEU A 71 4.30 -17.75 16.67
C LEU A 71 3.51 -18.20 17.88
N MET A 72 4.23 -18.59 18.92
CA MET A 72 3.60 -19.05 20.15
C MET A 72 3.68 -17.98 21.22
N GLY A 73 2.72 -17.97 22.14
CA GLY A 73 2.77 -17.02 23.23
C GLY A 73 1.98 -15.73 23.02
N GLY A 74 1.30 -15.63 21.88
CA GLY A 74 0.51 -14.45 21.58
C GLY A 74 -0.58 -14.22 22.62
N GLU A 75 -1.07 -15.30 23.21
CA GLU A 75 -2.09 -15.22 24.24
C GLU A 75 -1.60 -14.46 25.46
N GLY A 76 -0.30 -14.42 25.68
CA GLY A 76 0.24 -13.73 26.84
C GLY A 76 0.41 -12.23 26.64
N VAL A 77 -0.01 -11.71 25.50
CA VAL A 77 0.19 -10.29 25.28
C VAL A 77 -0.96 -9.50 25.88
N THR A 78 -0.66 -8.45 26.65
CA THR A 78 -1.72 -7.64 27.21
C THR A 78 -1.46 -6.20 26.79
N MET A 79 -2.51 -5.39 26.86
CA MET A 79 -2.39 -3.97 26.52
C MET A 79 -2.46 -3.12 27.79
N ASP A 80 -1.45 -2.27 28.02
CA ASP A 80 -1.46 -1.36 29.17
C ASP A 80 -2.17 -0.14 28.58
N SER A 81 -3.47 0.06 28.91
CA SER A 81 -4.18 1.17 28.28
C SER A 81 -3.58 2.56 28.54
N ALA A 82 -2.88 2.75 29.67
CA ALA A 82 -2.27 4.03 29.96
C ALA A 82 -1.09 4.28 29.02
N LYS A 83 -0.27 3.26 28.80
CA LYS A 83 0.89 3.39 27.91
C LYS A 83 0.41 3.51 26.47
N MET A 84 -0.69 2.85 26.16
CA MET A 84 -1.23 2.94 24.82
C MET A 84 -1.62 4.42 24.55
N GLN A 85 -2.37 5.05 25.47
CA GLN A 85 -2.77 6.43 25.31
C GLN A 85 -1.58 7.36 25.27
N GLN A 86 -0.55 7.06 26.05
CA GLN A 86 0.64 7.88 26.08
C GLN A 86 1.37 7.90 24.71
N GLN A 87 1.44 6.76 24.02
CA GLN A 87 2.10 6.72 22.70
C GLN A 87 1.23 7.54 21.72
N LYS A 88 -0.09 7.41 21.83
CA LYS A 88 -1.00 8.13 20.96
C LYS A 88 -0.71 9.63 21.13
N GLU A 89 -0.61 10.09 22.37
CA GLU A 89 -0.35 11.52 22.60
C GLU A 89 0.99 11.95 22.06
N ARG A 90 1.99 11.07 22.18
CA ARG A 90 3.34 11.34 21.68
C ARG A 90 3.23 11.56 20.15
N ALA A 91 2.50 10.68 19.49
CA ALA A 91 2.39 10.81 18.06
C ALA A 91 1.67 12.13 17.68
N VAL A 92 0.60 12.46 18.37
CA VAL A 92 -0.13 13.69 18.11
C VAL A 92 0.78 14.90 18.31
N LYS A 93 1.52 14.90 19.40
CA LYS A 93 2.43 15.99 19.75
C LYS A 93 3.49 16.21 18.70
N GLY A 94 4.03 15.12 18.16
CA GLY A 94 5.06 15.25 17.14
C GLY A 94 4.52 15.95 15.90
N LEU A 95 3.28 15.66 15.53
CA LEU A 95 2.69 16.26 14.36
C LEU A 95 2.23 17.70 14.54
N THR A 96 1.60 18.02 15.68
CA THR A 96 1.11 19.39 15.89
C THR A 96 2.33 20.34 16.08
N GLY A 97 3.38 19.88 16.76
CA GLY A 97 4.56 20.70 16.92
C GLY A 97 5.21 20.92 15.56
N GLY A 98 5.17 19.91 14.72
CA GLY A 98 5.74 20.02 13.39
C GLY A 98 5.06 21.11 12.57
N VAL A 99 3.75 21.27 12.71
CA VAL A 99 3.08 22.31 11.95
C VAL A 99 3.53 23.71 12.42
N GLU A 100 3.73 23.88 13.73
CA GLU A 100 4.21 25.17 14.22
C GLU A 100 5.56 25.49 13.57
N TYR A 101 6.40 24.47 13.41
CA TYR A 101 7.70 24.70 12.80
C TYR A 101 7.53 25.10 11.33
N LEU A 102 6.62 24.44 10.62
CA LEU A 102 6.40 24.79 9.22
C LEU A 102 5.90 26.23 9.12
N PHE A 103 5.12 26.69 10.12
CA PHE A 103 4.64 28.08 10.09
C PHE A 103 5.87 29.02 10.22
N LYS A 104 6.75 28.67 11.16
CA LYS A 104 7.94 29.46 11.37
C LYS A 104 8.79 29.48 10.11
N LYS A 105 9.07 28.30 9.57
CA LYS A 105 9.84 28.15 8.35
C LYS A 105 9.29 28.95 7.17
N ASN A 106 7.97 29.01 7.05
CA ASN A 106 7.32 29.70 5.95
C ASN A 106 6.93 31.13 6.26
N LYS A 107 7.24 31.59 7.46
CA LYS A 107 6.90 32.95 7.86
C LYS A 107 5.41 33.23 7.92
N VAL A 108 4.64 32.27 8.43
CA VAL A 108 3.23 32.50 8.60
C VAL A 108 3.13 33.07 10.00
N THR A 109 2.39 34.16 10.18
CA THR A 109 2.23 34.73 11.51
C THR A 109 1.07 34.00 12.19
N TYR A 110 1.35 33.47 13.38
CA TYR A 110 0.36 32.68 14.08
C TYR A 110 -0.27 33.37 15.27
N TYR A 111 -1.58 33.57 15.23
CA TYR A 111 -2.28 34.19 16.36
C TYR A 111 -3.08 33.14 17.12
N LYS A 112 -2.87 33.09 18.43
CA LYS A 112 -3.59 32.14 19.26
C LYS A 112 -4.76 32.83 19.87
N GLY A 113 -5.95 32.54 19.36
CA GLY A 113 -7.15 33.14 19.91
C GLY A 113 -8.30 32.91 18.98
N GLU A 114 -9.45 33.48 19.33
CA GLU A 114 -10.64 33.33 18.52
C GLU A 114 -10.76 34.53 17.58
N GLY A 115 -11.01 34.26 16.30
CA GLY A 115 -11.12 35.30 15.30
C GLY A 115 -12.58 35.57 15.09
N SER A 116 -12.89 36.84 14.89
CA SER A 116 -14.27 37.26 14.66
C SER A 116 -14.29 38.40 13.62
N PHE A 117 -15.30 38.44 12.76
CA PHE A 117 -15.36 39.52 11.77
C PHE A 117 -15.92 40.79 12.39
N GLU A 118 -15.25 41.91 12.08
CA GLU A 118 -15.71 43.24 12.54
C GLU A 118 -16.36 43.79 11.28
N THR A 119 -15.61 43.73 10.17
CA THR A 119 -16.07 44.12 8.84
C THR A 119 -15.46 43.05 7.94
N ALA A 120 -15.74 43.12 6.64
CA ALA A 120 -15.20 42.12 5.74
C ALA A 120 -13.68 42.18 5.65
N HIS A 121 -13.10 43.30 6.11
CA HIS A 121 -11.65 43.44 6.04
C HIS A 121 -10.94 43.63 7.39
N SER A 122 -11.67 43.49 8.49
CA SER A 122 -11.05 43.63 9.81
C SER A 122 -11.57 42.52 10.71
N ILE A 123 -10.61 41.85 11.31
CA ILE A 123 -10.84 40.72 12.15
C ILE A 123 -10.37 40.97 13.55
N ARG A 124 -11.24 40.73 14.49
CA ARG A 124 -10.90 40.87 15.88
C ARG A 124 -10.40 39.53 16.40
N VAL A 125 -9.26 39.57 17.09
CA VAL A 125 -8.70 38.38 17.68
C VAL A 125 -8.78 38.52 19.18
N ASN A 126 -9.55 37.64 19.80
CA ASN A 126 -9.64 37.62 21.25
C ASN A 126 -8.57 36.60 21.69
N GLY A 127 -7.39 37.09 22.01
CA GLY A 127 -6.28 36.25 22.41
C GLY A 127 -6.54 35.33 23.58
N LEU A 128 -5.86 34.18 23.58
CA LEU A 128 -6.04 33.22 24.68
C LEU A 128 -5.53 33.86 25.99
N ASP A 129 -4.58 34.79 25.86
CA ASP A 129 -3.98 35.52 26.98
C ASP A 129 -4.81 36.74 27.38
N GLY A 130 -6.05 36.82 26.93
CA GLY A 130 -6.90 37.95 27.28
C GLY A 130 -6.79 39.19 26.40
N LYS A 131 -5.64 39.38 25.76
CA LYS A 131 -5.45 40.59 24.93
C LYS A 131 -6.17 40.56 23.59
N GLN A 132 -6.75 41.70 23.23
CA GLN A 132 -7.46 41.81 21.98
C GLN A 132 -6.65 42.53 20.93
N GLU A 133 -6.86 42.14 19.68
CA GLU A 133 -6.16 42.77 18.57
C GLU A 133 -7.06 42.83 17.38
N MET A 134 -6.76 43.76 16.50
CA MET A 134 -7.53 43.94 15.29
C MET A 134 -6.58 43.71 14.14
N LEU A 135 -6.96 42.81 13.25
CA LEU A 135 -6.15 42.52 12.09
C LEU A 135 -6.82 43.20 10.93
N GLU A 136 -6.02 43.77 10.04
CA GLU A 136 -6.57 44.36 8.85
C GLU A 136 -5.99 43.50 7.74
N THR A 137 -6.80 43.16 6.75
CA THR A 137 -6.32 42.28 5.70
C THR A 137 -7.01 42.58 4.39
N LYS A 138 -6.45 42.08 3.29
CA LYS A 138 -7.06 42.23 1.99
C LYS A 138 -8.03 41.10 1.69
N LYS A 139 -7.71 39.91 2.18
CA LYS A 139 -8.53 38.73 1.90
C LYS A 139 -8.62 37.87 3.17
N THR A 140 -9.72 37.14 3.32
CA THR A 140 -9.86 36.28 4.49
C THR A 140 -10.34 34.90 4.06
N ILE A 141 -9.76 33.86 4.64
CA ILE A 141 -10.21 32.50 4.34
C ILE A 141 -10.82 31.95 5.62
N ILE A 142 -12.07 31.54 5.56
CA ILE A 142 -12.77 30.95 6.69
C ILE A 142 -12.47 29.44 6.60
N ALA A 143 -11.85 28.86 7.64
CA ALA A 143 -11.57 27.40 7.63
C ALA A 143 -11.86 26.92 9.05
N THR A 144 -13.04 27.26 9.55
CA THR A 144 -13.42 26.95 10.92
C THR A 144 -13.93 25.54 11.21
N GLY A 145 -14.05 24.73 10.17
CA GLY A 145 -14.36 23.32 10.37
C GLY A 145 -15.70 22.89 10.86
N SER A 146 -15.68 21.85 11.71
CA SER A 146 -16.94 21.26 12.15
C SER A 146 -16.88 20.81 13.60
N GLU A 147 -18.00 20.28 14.09
CA GLU A 147 -18.07 19.78 15.47
C GLU A 147 -19.03 18.60 15.46
N PRO A 148 -18.98 17.74 16.49
CA PRO A 148 -19.88 16.59 16.55
C PRO A 148 -21.34 16.99 16.72
N THR A 149 -22.24 16.27 16.06
CA THR A 149 -23.67 16.54 16.23
C THR A 149 -24.08 15.91 17.54
N GLU A 150 -24.75 16.68 18.40
CA GLU A 150 -25.21 16.20 19.70
C GLU A 150 -26.66 15.70 19.63
N LEU A 151 -27.03 14.72 20.45
CA LEU A 151 -28.42 14.25 20.52
C LEU A 151 -29.00 15.19 21.57
N PRO A 152 -30.05 15.95 21.22
CA PRO A 152 -30.62 16.89 22.18
C PRO A 152 -31.09 16.32 23.52
N PHE A 153 -31.55 15.07 23.53
CA PHE A 153 -32.04 14.47 24.76
C PHE A 153 -30.98 13.72 25.54
N LEU A 154 -29.76 13.65 25.01
CA LEU A 154 -28.66 12.99 25.69
C LEU A 154 -27.38 13.77 25.37
N PRO A 155 -27.20 14.95 25.99
CA PRO A 155 -26.04 15.80 25.76
C PRO A 155 -24.75 15.13 26.11
N PHE A 156 -23.67 15.48 25.41
CA PHE A 156 -22.37 14.92 25.73
C PHE A 156 -21.87 15.37 27.10
N ASP A 157 -21.28 14.44 27.85
CA ASP A 157 -20.64 14.88 29.09
C ASP A 157 -19.19 14.39 28.99
N GLU A 158 -18.88 13.65 27.93
CA GLU A 158 -17.54 13.10 27.68
C GLU A 158 -17.04 12.21 28.83
N LYS A 159 -17.98 11.68 29.58
CA LYS A 159 -17.66 10.76 30.67
C LYS A 159 -18.39 9.45 30.31
N VAL A 160 -19.70 9.51 30.08
CA VAL A 160 -20.44 8.31 29.66
C VAL A 160 -21.18 8.52 28.33
N VAL A 161 -21.55 9.77 28.03
CA VAL A 161 -22.15 10.08 26.74
C VAL A 161 -20.98 10.83 26.06
N LEU A 162 -20.34 10.11 25.15
CA LEU A 162 -19.14 10.55 24.47
C LEU A 162 -19.26 10.95 23.03
N SER A 163 -18.43 11.90 22.62
CA SER A 163 -18.37 12.23 21.21
C SER A 163 -17.10 11.47 20.84
N SER A 164 -16.64 11.57 19.60
CA SER A 164 -15.41 10.89 19.22
C SER A 164 -14.25 11.38 20.05
N THR A 165 -14.29 12.63 20.50
CA THR A 165 -13.19 13.15 21.29
C THR A 165 -13.10 12.38 22.62
N GLY A 166 -14.23 12.20 23.30
CA GLY A 166 -14.23 11.48 24.55
C GLY A 166 -13.90 10.01 24.37
N ALA A 167 -14.32 9.42 23.25
CA ALA A 167 -14.08 7.99 23.01
C ALA A 167 -12.61 7.73 22.73
N LEU A 168 -11.92 8.70 22.16
CA LEU A 168 -10.49 8.56 21.89
C LEU A 168 -9.62 8.69 23.16
N ALA A 169 -10.20 9.30 24.17
CA ALA A 169 -9.45 9.51 25.40
C ALA A 169 -9.80 8.63 26.62
N LEU A 170 -10.64 7.62 26.43
CA LEU A 170 -10.99 6.75 27.54
C LEU A 170 -9.73 6.20 28.19
N PRO A 171 -9.68 6.26 29.53
CA PRO A 171 -8.51 5.77 30.27
C PRO A 171 -8.50 4.25 30.48
N ARG A 172 -9.65 3.62 30.25
CA ARG A 172 -9.74 2.18 30.42
C ARG A 172 -10.81 1.61 29.49
N VAL A 173 -10.71 0.32 29.21
CA VAL A 173 -11.64 -0.33 28.30
C VAL A 173 -13.01 -0.47 28.92
N PRO A 174 -14.06 0.06 28.25
CA PRO A 174 -15.38 -0.09 28.86
C PRO A 174 -15.85 -1.52 28.71
N LYS A 175 -16.69 -1.98 29.63
CA LYS A 175 -17.18 -3.37 29.54
C LYS A 175 -18.13 -3.53 28.38
N THR A 176 -18.98 -2.53 28.23
CA THR A 176 -19.96 -2.53 27.17
C THR A 176 -19.96 -1.13 26.58
N MET A 177 -20.21 -1.06 25.27
CA MET A 177 -20.25 0.23 24.61
C MET A 177 -21.23 0.17 23.47
N VAL A 178 -22.07 1.19 23.36
CA VAL A 178 -23.01 1.22 22.27
C VAL A 178 -22.56 2.36 21.39
N VAL A 179 -22.63 2.17 20.08
CA VAL A 179 -22.20 3.21 19.16
C VAL A 179 -23.43 3.56 18.34
N ILE A 180 -23.87 4.82 18.38
CA ILE A 180 -24.98 5.27 17.58
C ILE A 180 -24.44 5.91 16.29
N GLY A 181 -24.72 5.28 15.14
CA GLY A 181 -24.28 5.78 13.85
C GLY A 181 -23.24 4.82 13.29
N GLY A 182 -23.62 4.00 12.32
CA GLY A 182 -22.68 3.05 11.78
C GLY A 182 -21.86 3.59 10.63
N GLY A 183 -21.36 4.80 10.77
CA GLY A 183 -20.55 5.42 9.71
C GLY A 183 -19.05 5.20 9.96
N VAL A 184 -18.20 5.86 9.17
CA VAL A 184 -16.76 5.66 9.33
C VAL A 184 -16.25 5.88 10.76
N ILE A 185 -16.64 6.99 11.39
CA ILE A 185 -16.11 7.24 12.74
C ILE A 185 -16.58 6.20 13.78
N GLY A 186 -17.86 5.85 13.74
CA GLY A 186 -18.38 4.85 14.68
C GLY A 186 -17.71 3.49 14.50
N LEU A 187 -17.54 3.05 13.25
CA LEU A 187 -16.92 1.75 12.98
C LEU A 187 -15.45 1.72 13.40
N GLU A 188 -14.71 2.79 13.13
CA GLU A 188 -13.30 2.79 13.54
C GLU A 188 -13.18 2.81 15.06
N LEU A 189 -13.91 3.74 15.68
CA LEU A 189 -13.83 3.86 17.13
C LEU A 189 -14.43 2.62 17.82
N GLY A 190 -15.48 2.05 17.26
CA GLY A 190 -16.01 0.83 17.87
C GLY A 190 -14.98 -0.31 17.75
N SER A 191 -14.24 -0.38 16.64
CA SER A 191 -13.22 -1.43 16.50
C SER A 191 -12.13 -1.30 17.52
N VAL A 192 -11.69 -0.09 17.79
CA VAL A 192 -10.62 0.08 18.75
C VAL A 192 -10.96 -0.60 20.08
N TRP A 193 -12.10 -0.21 20.64
CA TRP A 193 -12.46 -0.79 21.94
C TRP A 193 -12.93 -2.24 21.88
N ALA A 194 -13.57 -2.66 20.81
CA ALA A 194 -13.99 -4.06 20.71
C ALA A 194 -12.75 -4.96 20.72
N ARG A 195 -11.67 -4.53 20.07
CA ARG A 195 -10.45 -5.33 20.03
C ARG A 195 -9.83 -5.56 21.40
N LEU A 196 -10.02 -4.61 22.29
CA LEU A 196 -9.47 -4.69 23.61
C LEU A 196 -10.38 -5.37 24.62
N GLY A 197 -11.52 -5.84 24.17
CA GLY A 197 -12.42 -6.53 25.07
C GLY A 197 -13.83 -5.98 25.25
N ALA A 198 -14.09 -4.75 24.84
CA ALA A 198 -15.44 -4.26 25.04
C ALA A 198 -16.47 -4.95 24.18
N GLU A 199 -17.67 -5.15 24.74
CA GLU A 199 -18.76 -5.69 23.96
C GLU A 199 -19.35 -4.46 23.31
N VAL A 200 -19.23 -4.38 21.99
CA VAL A 200 -19.72 -3.25 21.27
C VAL A 200 -20.94 -3.52 20.43
N THR A 201 -21.96 -2.67 20.52
CA THR A 201 -23.14 -2.82 19.71
C THR A 201 -23.30 -1.54 18.85
N VAL A 202 -23.48 -1.68 17.54
CA VAL A 202 -23.63 -0.52 16.68
C VAL A 202 -25.10 -0.38 16.31
N VAL A 203 -25.67 0.83 16.51
CA VAL A 203 -27.05 1.09 16.21
C VAL A 203 -27.08 2.05 15.06
N GLU A 204 -27.70 1.64 13.98
CA GLU A 204 -27.75 2.44 12.79
C GLU A 204 -29.17 2.52 12.28
N PHE A 205 -29.60 3.73 11.94
CA PHE A 205 -30.94 3.98 11.46
C PHE A 205 -31.13 3.42 10.04
N ALA A 206 -30.10 3.56 9.20
CA ALA A 206 -30.18 3.04 7.83
C ALA A 206 -30.19 1.49 7.82
N PRO A 207 -30.64 0.89 6.71
CA PRO A 207 -30.75 -0.56 6.49
C PRO A 207 -29.40 -1.25 6.70
N ARG A 208 -28.33 -0.53 6.41
CA ARG A 208 -26.98 -1.05 6.61
C ARG A 208 -26.00 0.04 7.02
N CYS A 209 -24.87 -0.39 7.58
CA CYS A 209 -23.81 0.52 8.01
C CYS A 209 -23.17 1.16 6.78
N ALA A 210 -22.43 2.25 6.99
CA ALA A 210 -21.79 3.00 5.89
C ALA A 210 -22.71 2.92 4.66
N PRO A 211 -23.94 3.47 4.76
CA PRO A 211 -24.96 3.46 3.70
C PRO A 211 -24.53 4.07 2.37
N THR A 212 -23.47 4.86 2.43
CA THR A 212 -22.91 5.53 1.26
C THR A 212 -22.18 4.54 0.33
N LEU A 213 -21.76 3.41 0.90
CA LEU A 213 -21.06 2.37 0.15
C LEU A 213 -22.01 1.27 -0.36
N ASP A 214 -21.56 0.57 -1.39
CA ASP A 214 -22.35 -0.49 -1.96
C ASP A 214 -22.49 -1.59 -0.97
N GLU A 215 -23.56 -2.34 -1.14
CA GLU A 215 -23.82 -3.43 -0.26
C GLU A 215 -22.75 -4.53 -0.29
N ASP A 216 -22.19 -4.89 -1.44
CA ASP A 216 -21.17 -5.95 -1.41
C ASP A 216 -19.96 -5.51 -0.59
N VAL A 217 -19.67 -4.21 -0.64
CA VAL A 217 -18.52 -3.68 0.14
C VAL A 217 -18.80 -3.70 1.65
N THR A 218 -19.94 -3.15 2.04
CA THR A 218 -20.21 -3.08 3.48
C THR A 218 -20.44 -4.46 4.03
N ASN A 219 -20.95 -5.34 3.20
CA ASN A 219 -21.13 -6.69 3.61
C ASN A 219 -19.83 -7.38 3.99
N ALA A 220 -18.81 -7.17 3.15
CA ALA A 220 -17.51 -7.75 3.39
C ALA A 220 -16.97 -7.17 4.69
N LEU A 221 -17.15 -5.87 4.91
CA LEU A 221 -16.65 -5.25 6.12
C LEU A 221 -17.38 -5.67 7.38
N VAL A 222 -18.69 -5.60 7.37
CA VAL A 222 -19.46 -5.96 8.56
C VAL A 222 -19.30 -7.45 8.93
N GLY A 223 -19.08 -8.30 7.94
CA GLY A 223 -18.88 -9.72 8.18
C GLY A 223 -17.58 -9.92 8.93
N ALA A 224 -16.58 -9.13 8.54
CA ALA A 224 -15.29 -9.24 9.24
C ALA A 224 -15.43 -8.70 10.65
N LEU A 225 -16.10 -7.54 10.80
CA LEU A 225 -16.24 -6.93 12.13
C LEU A 225 -17.00 -7.88 13.08
N ALA A 226 -17.98 -8.58 12.52
CA ALA A 226 -18.79 -9.49 13.33
C ALA A 226 -17.95 -10.70 13.75
N LYS A 227 -17.05 -11.13 12.87
CA LYS A 227 -16.24 -12.30 13.16
C LYS A 227 -15.03 -12.04 14.04
N ASN A 228 -14.31 -10.96 13.78
CA ASN A 228 -13.08 -10.67 14.49
C ASN A 228 -13.27 -9.81 15.72
N GLU A 229 -13.97 -8.69 15.59
CA GLU A 229 -14.19 -7.82 16.74
C GLU A 229 -15.41 -8.27 17.57
N LYS A 230 -16.20 -9.18 17.01
CA LYS A 230 -17.42 -9.69 17.66
C LYS A 230 -18.41 -8.56 17.89
N MET A 231 -18.43 -7.61 16.97
CA MET A 231 -19.35 -6.50 17.12
C MET A 231 -20.75 -6.95 16.74
N LYS A 232 -21.73 -6.37 17.42
CA LYS A 232 -23.11 -6.68 17.17
C LYS A 232 -23.70 -5.49 16.44
N PHE A 233 -24.55 -5.73 15.44
CA PHE A 233 -25.12 -4.62 14.68
C PHE A 233 -26.64 -4.64 14.74
N MET A 234 -27.24 -3.46 14.93
CA MET A 234 -28.69 -3.31 14.97
C MET A 234 -28.98 -2.23 13.94
N THR A 235 -29.35 -2.65 12.74
CA THR A 235 -29.64 -1.71 11.67
C THR A 235 -31.14 -1.48 11.66
N SER A 236 -31.58 -0.52 10.86
CA SER A 236 -32.99 -0.15 10.80
C SER A 236 -33.53 0.06 12.22
N THR A 237 -32.69 0.65 13.09
CA THR A 237 -33.06 0.88 14.47
C THR A 237 -32.94 2.37 14.80
N LYS A 238 -33.99 2.90 15.44
CA LYS A 238 -34.08 4.29 15.83
C LYS A 238 -33.85 4.43 17.35
N VAL A 239 -33.16 5.50 17.74
CA VAL A 239 -32.94 5.77 19.16
C VAL A 239 -34.04 6.75 19.52
N VAL A 240 -34.87 6.39 20.48
CA VAL A 240 -36.00 7.25 20.84
C VAL A 240 -35.88 7.96 22.17
N GLY A 241 -34.95 7.54 23.01
CA GLY A 241 -34.81 8.19 24.28
C GLY A 241 -33.62 7.60 25.00
N GLY A 242 -33.30 8.18 26.14
CA GLY A 242 -32.18 7.65 26.88
C GLY A 242 -32.04 8.41 28.17
N THR A 243 -31.24 7.86 29.07
CA THR A 243 -30.99 8.48 30.34
C THR A 243 -29.54 8.30 30.67
N ASN A 244 -28.90 9.38 31.08
CA ASN A 244 -27.53 9.31 31.50
C ASN A 244 -27.67 9.07 33.02
N ASN A 245 -27.26 7.89 33.48
CA ASN A 245 -27.34 7.54 34.91
C ASN A 245 -26.07 7.85 35.69
N GLY A 246 -25.14 8.58 35.06
CA GLY A 246 -23.92 8.96 35.75
C GLY A 246 -22.75 8.05 35.48
N ASP A 247 -22.95 6.77 35.69
CA ASP A 247 -21.88 5.80 35.48
C ASP A 247 -22.28 4.78 34.41
N SER A 248 -23.44 4.97 33.82
CA SER A 248 -23.91 4.13 32.73
C SER A 248 -24.98 4.89 31.98
N VAL A 249 -25.39 4.34 30.84
CA VAL A 249 -26.43 4.95 30.06
C VAL A 249 -27.50 3.91 29.71
N SER A 250 -28.74 4.33 29.72
CA SER A 250 -29.85 3.47 29.35
C SER A 250 -30.38 4.10 28.09
N LEU A 251 -30.41 3.33 27.02
CA LEU A 251 -30.88 3.83 25.73
C LEU A 251 -32.14 3.07 25.36
N GLU A 252 -33.14 3.78 24.83
CA GLU A 252 -34.36 3.13 24.38
C GLU A 252 -34.34 3.19 22.88
N VAL A 253 -34.47 2.04 22.23
CA VAL A 253 -34.45 1.98 20.76
C VAL A 253 -35.69 1.26 20.22
N GLU A 254 -35.91 1.35 18.91
CA GLU A 254 -37.04 0.64 18.29
C GLU A 254 -36.81 0.32 16.79
N GLY A 255 -37.15 -0.90 16.39
CA GLY A 255 -36.97 -1.33 15.01
C GLY A 255 -38.24 -1.51 14.20
N LYS A 259 -41.62 -1.80 17.58
CA LYS A 259 -41.25 -2.56 18.79
C LYS A 259 -40.07 -1.95 19.55
N ARG A 260 -40.27 -1.61 20.82
CA ARG A 260 -39.23 -1.00 21.66
C ARG A 260 -38.28 -1.94 22.34
N GLU A 261 -37.27 -1.34 22.96
CA GLU A 261 -36.24 -2.10 23.64
C GLU A 261 -35.24 -1.18 24.36
N THR A 262 -34.72 -1.65 25.48
CA THR A 262 -33.77 -0.85 26.23
C THR A 262 -32.39 -1.47 26.30
N VAL A 263 -31.37 -0.68 25.96
CA VAL A 263 -30.00 -1.19 26.00
C VAL A 263 -29.24 -0.45 27.11
N THR A 264 -28.39 -1.16 27.86
CA THR A 264 -27.63 -0.54 28.93
C THR A 264 -26.13 -0.62 28.63
N CYS A 265 -25.41 0.48 28.78
CA CYS A 265 -23.99 0.39 28.49
C CYS A 265 -23.21 1.26 29.39
N GLU A 266 -21.96 0.90 29.56
CA GLU A 266 -21.09 1.70 30.39
C GLU A 266 -20.65 2.98 29.65
N ALA A 267 -20.58 2.93 28.31
CA ALA A 267 -20.12 4.09 27.53
C ALA A 267 -20.92 4.17 26.24
N LEU A 268 -21.40 5.36 25.88
CA LEU A 268 -22.18 5.54 24.67
C LEU A 268 -21.40 6.46 23.75
N LEU A 269 -21.15 6.03 22.52
CA LEU A 269 -20.46 6.91 21.56
C LEU A 269 -21.56 7.37 20.62
N VAL A 270 -21.76 8.68 20.55
CA VAL A 270 -22.75 9.23 19.63
C VAL A 270 -21.93 9.72 18.41
N SER A 271 -22.04 9.05 17.27
CA SER A 271 -21.31 9.50 16.09
C SER A 271 -22.30 9.52 14.96
N VAL A 272 -23.37 10.28 15.12
CA VAL A 272 -24.39 10.41 14.10
C VAL A 272 -23.99 11.34 12.98
N GLY A 273 -23.09 12.27 13.24
CA GLY A 273 -22.68 13.16 12.16
C GLY A 273 -21.86 14.31 12.69
N ARG A 274 -21.48 15.23 11.82
CA ARG A 274 -20.77 16.39 12.24
C ARG A 274 -21.45 17.56 11.55
N ARG A 275 -21.42 18.72 12.19
CA ARG A 275 -22.06 19.91 11.62
C ARG A 275 -21.02 20.98 11.43
N PRO A 276 -21.21 21.83 10.42
CA PRO A 276 -20.26 22.92 10.13
C PRO A 276 -20.25 23.87 11.30
N PHE A 277 -19.08 24.38 11.64
CA PHE A 277 -18.97 25.25 12.80
C PHE A 277 -18.57 26.67 12.46
N THR A 278 -19.40 27.64 12.85
CA THR A 278 -19.14 29.06 12.63
C THR A 278 -19.44 29.88 13.90
N GLY A 279 -19.48 29.19 15.03
CA GLY A 279 -19.76 29.84 16.28
C GLY A 279 -18.77 30.93 16.63
N GLY A 280 -19.31 32.07 17.03
CA GLY A 280 -18.47 33.21 17.40
C GLY A 280 -17.77 33.92 16.25
N LEU A 281 -18.01 33.49 15.03
CA LEU A 281 -17.31 34.08 13.88
C LEU A 281 -17.82 35.45 13.43
N GLY A 282 -19.06 35.77 13.79
CA GLY A 282 -19.64 37.04 13.39
C GLY A 282 -20.10 37.08 11.95
N LEU A 283 -20.43 35.93 11.35
CA LEU A 283 -20.86 35.89 9.96
C LEU A 283 -22.12 36.72 9.71
N ASP A 284 -22.96 36.81 10.73
CA ASP A 284 -24.21 37.52 10.59
C ASP A 284 -23.94 39.01 10.52
N LYS A 285 -22.92 39.43 11.26
CA LYS A 285 -22.53 40.82 11.25
C LYS A 285 -22.14 41.29 9.85
N ILE A 286 -21.54 40.42 9.03
CA ILE A 286 -21.16 40.85 7.67
C ILE A 286 -21.98 40.23 6.56
N ASN A 287 -23.01 39.48 6.94
CA ASN A 287 -23.91 38.84 6.00
C ASN A 287 -23.33 37.80 5.03
N VAL A 288 -22.41 36.96 5.49
CA VAL A 288 -21.88 35.87 4.67
C VAL A 288 -23.01 34.85 4.68
N ALA A 289 -23.48 34.43 3.50
CA ALA A 289 -24.59 33.49 3.38
C ALA A 289 -24.29 32.02 3.73
N LYS A 290 -25.21 31.39 4.44
CA LYS A 290 -25.09 29.98 4.83
C LYS A 290 -26.34 29.24 4.36
N ASN A 291 -26.24 27.93 4.09
CA ASN A 291 -27.45 27.21 3.70
C ASN A 291 -28.19 26.79 4.95
N GLU A 292 -29.31 26.09 4.80
CA GLU A 292 -30.11 25.69 5.97
C GLU A 292 -29.43 24.76 6.97
N ARG A 293 -28.39 24.09 6.51
CA ARG A 293 -27.66 23.19 7.38
C ARG A 293 -26.53 23.93 8.09
N GLY A 294 -26.35 25.19 7.76
CA GLY A 294 -25.30 25.96 8.41
C GLY A 294 -23.96 26.00 7.67
N PHE A 295 -23.87 25.39 6.50
CA PHE A 295 -22.64 25.41 5.74
C PHE A 295 -22.50 26.76 5.08
N VAL A 296 -21.26 27.24 4.99
CA VAL A 296 -21.02 28.50 4.30
C VAL A 296 -21.11 28.22 2.79
N LYS A 297 -21.91 29.01 2.07
CA LYS A 297 -22.06 28.83 0.61
C LYS A 297 -20.89 29.40 -0.16
N ILE A 298 -20.33 28.63 -1.07
CA ILE A 298 -19.22 29.12 -1.85
C ILE A 298 -19.43 28.84 -3.32
N GLY A 299 -18.66 29.54 -4.16
CA GLY A 299 -18.72 29.33 -5.59
C GLY A 299 -17.53 28.50 -6.01
N ASP A 300 -17.30 28.40 -7.32
CA ASP A 300 -16.22 27.61 -7.88
C ASP A 300 -14.84 28.07 -7.50
N HIS A 301 -14.72 29.30 -7.03
CA HIS A 301 -13.42 29.77 -6.64
C HIS A 301 -13.30 29.97 -5.12
N PHE A 302 -14.17 29.29 -4.38
CA PHE A 302 -14.20 29.33 -2.92
C PHE A 302 -14.69 30.64 -2.32
N GLU A 303 -15.19 31.52 -3.18
CA GLU A 303 -15.67 32.82 -2.72
C GLU A 303 -17.04 32.69 -2.06
N THR A 304 -17.24 33.42 -0.97
CA THR A 304 -18.51 33.42 -0.24
C THR A 304 -19.34 34.52 -0.92
N SER A 305 -20.48 34.83 -0.35
CA SER A 305 -21.34 35.85 -0.90
C SER A 305 -20.74 37.23 -0.69
N ILE A 306 -19.76 37.35 0.18
CA ILE A 306 -19.13 38.64 0.47
C ILE A 306 -17.77 38.78 -0.20
N PRO A 307 -17.60 39.79 -1.05
CA PRO A 307 -16.31 39.99 -1.74
C PRO A 307 -15.12 39.93 -0.78
N ASP A 308 -14.05 39.28 -1.21
CA ASP A 308 -12.81 39.16 -0.43
C ASP A 308 -12.86 38.18 0.75
N VAL A 309 -13.97 37.49 0.92
CA VAL A 309 -14.08 36.51 1.99
C VAL A 309 -14.32 35.16 1.32
N TYR A 310 -13.43 34.21 1.60
CA TYR A 310 -13.46 32.86 1.01
C TYR A 310 -13.62 31.81 2.13
N ALA A 311 -13.93 30.57 1.75
CA ALA A 311 -14.10 29.52 2.75
C ALA A 311 -13.72 28.16 2.16
N ILE A 312 -13.19 27.29 3.01
CA ILE A 312 -12.74 25.97 2.54
C ILE A 312 -12.94 24.97 3.64
N GLY A 313 -12.76 23.68 3.29
CA GLY A 313 -12.84 22.63 4.32
C GLY A 313 -14.17 22.12 4.75
N ASP A 314 -14.27 21.63 5.99
CA ASP A 314 -15.52 21.07 6.47
C ASP A 314 -16.66 22.06 6.53
N VAL A 315 -16.36 23.35 6.68
CA VAL A 315 -17.42 24.34 6.84
C VAL A 315 -18.18 24.69 5.56
N VAL A 316 -17.69 24.27 4.39
CA VAL A 316 -18.38 24.66 3.15
C VAL A 316 -19.34 23.67 2.57
N ASP A 317 -20.26 24.18 1.74
CA ASP A 317 -21.30 23.36 1.14
C ASP A 317 -20.87 22.50 -0.04
N LYS A 318 -19.60 22.13 -0.09
CA LYS A 318 -19.10 21.32 -1.19
C LYS A 318 -18.27 20.14 -0.72
N GLY A 319 -18.34 19.04 -1.48
CA GLY A 319 -17.57 17.83 -1.24
C GLY A 319 -17.78 17.15 0.09
N PRO A 320 -17.09 16.03 0.36
CA PRO A 320 -17.26 15.31 1.63
C PRO A 320 -16.43 15.97 2.73
N MET A 321 -16.77 15.73 3.99
CA MET A 321 -16.02 16.32 5.11
C MET A 321 -14.80 15.44 5.41
N LEU A 322 -13.74 15.62 4.66
CA LEU A 322 -12.54 14.79 4.80
C LEU A 322 -11.35 15.72 4.81
N ALA A 323 -10.27 15.29 5.45
CA ALA A 323 -9.10 16.14 5.56
C ALA A 323 -8.39 16.43 4.25
N HIS A 324 -8.21 15.41 3.42
CA HIS A 324 -7.51 15.65 2.17
C HIS A 324 -8.31 16.59 1.27
N LYS A 325 -9.65 16.58 1.42
CA LYS A 325 -10.44 17.52 0.63
C LYS A 325 -10.12 18.95 1.09
N ALA A 326 -10.13 19.16 2.40
CA ALA A 326 -9.83 20.48 2.95
C ALA A 326 -8.42 20.93 2.54
N GLU A 327 -7.49 19.99 2.58
CA GLU A 327 -6.13 20.33 2.22
C GLU A 327 -6.04 20.77 0.72
N ASP A 328 -6.70 20.04 -0.17
CA ASP A 328 -6.63 20.42 -1.57
C ASP A 328 -7.38 21.72 -1.82
N GLU A 329 -8.45 21.97 -1.08
CA GLU A 329 -9.16 23.24 -1.23
C GLU A 329 -8.25 24.36 -0.70
N GLY A 330 -7.48 24.10 0.35
CA GLY A 330 -6.58 25.11 0.87
C GLY A 330 -5.51 25.50 -0.16
N VAL A 331 -4.93 24.50 -0.81
CA VAL A 331 -3.92 24.79 -1.83
C VAL A 331 -4.55 25.59 -2.99
N ALA A 332 -5.67 25.09 -3.50
CA ALA A 332 -6.35 25.74 -4.60
C ALA A 332 -6.76 27.18 -4.25
N CYS A 333 -7.31 27.38 -3.06
CA CYS A 333 -7.74 28.70 -2.68
C CYS A 333 -6.51 29.64 -2.61
N ALA A 334 -5.44 29.18 -1.98
CA ALA A 334 -4.25 30.01 -1.89
C ALA A 334 -3.77 30.37 -3.31
N GLU A 335 -3.78 29.40 -4.22
CA GLU A 335 -3.36 29.66 -5.58
C GLU A 335 -4.25 30.69 -6.23
N ILE A 336 -5.57 30.56 -6.07
CA ILE A 336 -6.51 31.50 -6.66
C ILE A 336 -6.22 32.92 -6.10
N LEU A 337 -6.02 33.05 -4.80
CA LEU A 337 -5.72 34.36 -4.25
C LEU A 337 -4.41 34.98 -4.78
N ALA A 338 -3.48 34.16 -5.28
CA ALA A 338 -2.20 34.66 -5.82
C ALA A 338 -2.29 34.93 -7.33
N GLY A 339 -3.50 34.79 -7.88
CA GLY A 339 -3.70 35.02 -9.29
C GLY A 339 -3.46 33.79 -10.14
N LYS A 340 -3.37 32.63 -9.50
CA LYS A 340 -3.17 31.42 -10.26
C LYS A 340 -4.46 30.66 -10.36
N PRO A 341 -4.53 29.80 -11.36
CA PRO A 341 -5.70 28.97 -11.61
C PRO A 341 -5.69 27.71 -10.72
N GLY A 342 -6.45 27.77 -9.64
CA GLY A 342 -6.48 26.62 -8.78
C GLY A 342 -7.84 25.97 -8.95
N HIS A 343 -7.89 24.68 -8.68
CA HIS A 343 -9.17 24.00 -8.74
C HIS A 343 -9.00 22.62 -8.11
N VAL A 344 -10.12 22.08 -7.68
CA VAL A 344 -10.17 20.78 -7.04
C VAL A 344 -11.05 19.92 -7.89
N ASN A 345 -10.70 18.65 -8.04
CA ASN A 345 -11.50 17.73 -8.84
C ASN A 345 -12.37 16.96 -7.86
N TYR A 346 -13.57 17.47 -7.64
CA TYR A 346 -14.50 16.85 -6.71
C TYR A 346 -14.96 15.45 -7.15
N GLY A 347 -14.75 15.08 -8.41
CA GLY A 347 -15.17 13.75 -8.81
C GLY A 347 -14.11 12.70 -8.45
N VAL A 348 -12.95 13.13 -7.93
CA VAL A 348 -11.91 12.17 -7.59
C VAL A 348 -11.38 12.50 -6.18
N ILE A 349 -12.19 12.24 -5.17
CA ILE A 349 -11.75 12.46 -3.80
C ILE A 349 -11.94 11.09 -3.15
N PRO A 350 -10.86 10.45 -2.73
CA PRO A 350 -11.04 9.13 -2.11
C PRO A 350 -11.56 9.19 -0.67
N ALA A 351 -12.03 8.05 -0.17
CA ALA A 351 -12.52 7.94 1.22
C ALA A 351 -11.96 6.60 1.71
N VAL A 352 -11.42 6.58 2.93
CA VAL A 352 -10.81 5.35 3.46
C VAL A 352 -11.37 5.11 4.86
N ILE A 353 -11.59 3.83 5.20
CA ILE A 353 -12.06 3.43 6.53
C ILE A 353 -10.90 2.57 7.02
N TYR A 354 -10.29 2.97 8.13
CA TYR A 354 -9.12 2.29 8.61
C TYR A 354 -9.40 1.13 9.57
N THR A 355 -10.51 0.48 9.37
CA THR A 355 -10.77 -0.76 10.13
C THR A 355 -9.78 -1.78 9.50
N MET A 356 -9.86 -3.05 9.91
CA MET A 356 -9.03 -4.10 9.33
C MET A 356 -10.02 -5.24 9.08
N PRO A 357 -10.26 -5.60 7.81
CA PRO A 357 -9.68 -5.01 6.61
C PRO A 357 -10.10 -3.56 6.43
N GLU A 358 -9.30 -2.86 5.63
CA GLU A 358 -9.59 -1.46 5.33
C GLU A 358 -10.56 -1.40 4.15
N VAL A 359 -11.22 -0.28 3.97
CA VAL A 359 -12.10 -0.07 2.84
C VAL A 359 -11.65 1.26 2.21
N ALA A 360 -11.48 1.31 0.89
CA ALA A 360 -11.10 2.55 0.22
C ALA A 360 -11.97 2.62 -1.05
N SER A 361 -12.48 3.82 -1.36
CA SER A 361 -13.33 4.03 -2.51
C SER A 361 -12.98 5.35 -3.15
N VAL A 362 -13.17 5.42 -4.45
CA VAL A 362 -13.02 6.67 -5.15
C VAL A 362 -13.95 6.60 -6.33
N GLY A 363 -14.54 7.73 -6.67
CA GLY A 363 -15.43 7.72 -7.80
C GLY A 363 -16.83 7.25 -7.41
N LYS A 364 -17.59 6.73 -8.35
CA LYS A 364 -18.99 6.37 -8.10
C LYS A 364 -19.20 4.97 -7.59
N SER A 365 -20.27 4.78 -6.83
CA SER A 365 -20.67 3.47 -6.34
C SER A 365 -21.68 2.86 -7.32
N GLU A 366 -21.96 1.59 -7.21
CA GLU A 366 -22.95 1.00 -8.10
C GLU A 366 -24.33 1.62 -7.85
N ASP A 367 -24.69 1.79 -6.59
CA ASP A 367 -25.97 2.42 -6.24
C ASP A 367 -26.13 3.76 -6.95
N GLU A 368 -25.07 4.56 -7.03
CA GLU A 368 -25.20 5.84 -7.74
C GLU A 368 -25.34 5.63 -9.24
N LEU A 369 -24.58 4.71 -9.81
CA LEU A 369 -24.67 4.51 -11.26
C LEU A 369 -26.06 4.02 -11.64
N LYS A 370 -26.62 3.14 -10.82
CA LYS A 370 -27.96 2.63 -11.06
C LYS A 370 -28.92 3.81 -11.00
N LYS A 371 -28.80 4.62 -9.96
CA LYS A 371 -29.64 5.78 -9.81
C LYS A 371 -29.55 6.73 -11.03
N GLU A 372 -28.36 6.88 -11.61
CA GLU A 372 -28.18 7.77 -12.74
C GLU A 372 -28.43 7.11 -14.08
N GLY A 373 -28.79 5.84 -14.07
CA GLY A 373 -29.05 5.13 -15.30
C GLY A 373 -27.85 4.90 -16.22
N VAL A 374 -26.63 4.87 -15.66
CA VAL A 374 -25.44 4.65 -16.48
C VAL A 374 -25.27 3.17 -16.75
N ALA A 375 -24.98 2.78 -17.99
CA ALA A 375 -24.77 1.38 -18.28
C ALA A 375 -23.28 1.11 -17.99
N TYR A 376 -23.05 0.22 -17.04
CA TYR A 376 -21.68 -0.06 -16.61
C TYR A 376 -21.37 -1.55 -16.54
N LYS A 377 -20.09 -1.86 -16.51
CA LYS A 377 -19.61 -3.21 -16.42
C LYS A 377 -18.85 -3.25 -15.07
N VAL A 378 -18.87 -4.40 -14.40
CA VAL A 378 -18.19 -4.58 -13.12
C VAL A 378 -17.07 -5.60 -13.27
N GLY A 379 -15.86 -5.26 -12.84
CA GLY A 379 -14.77 -6.23 -12.85
C GLY A 379 -14.47 -6.46 -11.35
N LYS A 380 -14.44 -7.71 -10.89
CA LYS A 380 -14.20 -7.93 -9.47
C LYS A 380 -13.18 -9.03 -9.31
N PHE A 381 -12.19 -8.81 -8.45
CA PHE A 381 -11.18 -9.83 -8.25
C PHE A 381 -11.06 -10.00 -6.73
N PRO A 382 -11.24 -11.24 -6.24
CA PRO A 382 -11.16 -11.44 -4.79
C PRO A 382 -9.74 -11.66 -4.29
N PHE A 383 -9.44 -11.18 -3.09
CA PHE A 383 -8.08 -11.37 -2.59
C PHE A 383 -7.74 -12.82 -2.25
N ASN A 384 -8.75 -13.69 -2.19
CA ASN A 384 -8.42 -15.09 -1.94
C ASN A 384 -7.82 -15.72 -3.20
N ALA A 385 -7.67 -14.93 -4.27
CA ALA A 385 -7.04 -15.44 -5.47
C ALA A 385 -5.77 -14.61 -5.80
N ASN A 386 -5.41 -13.68 -4.90
CA ASN A 386 -4.24 -12.80 -5.08
C ASN A 386 -2.97 -13.40 -4.49
N SER A 387 -1.88 -13.33 -5.25
CA SER A 387 -0.59 -13.89 -4.84
C SER A 387 -0.11 -13.45 -3.47
N ARG A 388 -0.08 -12.14 -3.21
CA ARG A 388 0.46 -11.70 -1.94
C ARG A 388 -0.47 -12.04 -0.77
N ALA A 389 -1.77 -11.83 -0.97
CA ALA A 389 -2.73 -12.07 0.09
C ALA A 389 -2.66 -13.55 0.49
N LYS A 390 -2.56 -14.47 -0.48
CA LYS A 390 -2.47 -15.92 -0.14
C LYS A 390 -1.12 -16.23 0.50
N ALA A 391 -0.05 -15.63 -0.02
CA ALA A 391 1.26 -15.89 0.57
C ALA A 391 1.35 -15.52 2.06
N VAL A 392 0.68 -14.45 2.49
CA VAL A 392 0.76 -14.04 3.90
C VAL A 392 -0.51 -14.36 4.66
N SER A 393 -1.42 -15.08 3.99
CA SER A 393 -2.67 -15.52 4.61
C SER A 393 -3.60 -14.42 5.15
N THR A 394 -3.82 -13.34 4.37
CA THR A 394 -4.73 -12.26 4.79
C THR A 394 -5.57 -12.08 3.53
N GLU A 395 -6.48 -13.03 3.37
CA GLU A 395 -7.27 -13.12 2.15
C GLU A 395 -8.61 -12.45 2.10
N ASP A 396 -8.98 -11.70 3.13
CA ASP A 396 -10.29 -11.05 3.07
C ASP A 396 -10.40 -9.98 1.97
N GLY A 397 -11.62 -9.82 1.45
CA GLY A 397 -11.97 -8.75 0.52
C GLY A 397 -11.84 -8.95 -0.96
N PHE A 398 -11.90 -7.83 -1.68
CA PHE A 398 -11.82 -7.87 -3.11
C PHE A 398 -11.61 -6.46 -3.62
N VAL A 399 -11.37 -6.36 -4.94
CA VAL A 399 -11.27 -5.09 -5.63
C VAL A 399 -12.45 -5.12 -6.62
N LYS A 400 -13.18 -4.02 -6.71
CA LYS A 400 -14.30 -3.93 -7.65
C LYS A 400 -14.06 -2.65 -8.45
N VAL A 401 -14.05 -2.78 -9.78
CA VAL A 401 -13.82 -1.66 -10.68
C VAL A 401 -15.11 -1.56 -11.52
N LEU A 402 -15.63 -0.34 -11.62
CA LEU A 402 -16.84 -0.09 -12.38
C LEU A 402 -16.43 0.70 -13.64
N VAL A 403 -16.79 0.22 -14.84
CA VAL A 403 -16.42 0.98 -16.04
C VAL A 403 -17.65 1.27 -16.87
N ASP A 404 -17.57 2.33 -17.66
CA ASP A 404 -18.63 2.73 -18.59
C ASP A 404 -18.65 1.60 -19.63
N LYS A 405 -19.79 0.93 -19.78
CA LYS A 405 -19.84 -0.20 -20.73
C LYS A 405 -19.53 0.19 -22.15
N ALA A 406 -19.73 1.46 -22.50
CA ALA A 406 -19.46 1.91 -23.84
C ALA A 406 -18.01 2.31 -24.11
N THR A 407 -17.39 3.08 -23.21
CA THR A 407 -16.04 3.58 -23.44
C THR A 407 -14.89 2.96 -22.63
N ASP A 408 -15.19 2.02 -21.73
CA ASP A 408 -14.20 1.37 -20.88
C ASP A 408 -13.60 2.33 -19.83
N ARG A 409 -14.15 3.53 -19.70
CA ARG A 409 -13.60 4.46 -18.74
C ARG A 409 -13.92 4.06 -17.30
N ILE A 410 -12.92 4.15 -16.43
CA ILE A 410 -13.14 3.79 -15.05
C ILE A 410 -14.03 4.84 -14.36
N LEU A 411 -15.13 4.38 -13.79
CA LEU A 411 -16.08 5.30 -13.13
C LEU A 411 -16.02 5.25 -11.61
N GLY A 412 -15.49 4.15 -11.09
CA GLY A 412 -15.37 4.03 -9.64
C GLY A 412 -14.51 2.80 -9.32
N VAL A 413 -13.85 2.84 -8.16
CA VAL A 413 -13.00 1.71 -7.72
C VAL A 413 -13.26 1.57 -6.23
N HIS A 414 -13.50 0.35 -5.80
CA HIS A 414 -13.79 0.10 -4.40
C HIS A 414 -12.96 -1.09 -3.96
N ILE A 415 -12.24 -0.93 -2.86
CA ILE A 415 -11.35 -1.98 -2.39
C ILE A 415 -11.57 -2.30 -0.92
N VAL A 416 -11.58 -3.58 -0.61
CA VAL A 416 -11.65 -4.03 0.75
C VAL A 416 -10.50 -5.00 0.91
N CYS A 417 -9.53 -4.64 1.75
CA CYS A 417 -8.43 -5.54 2.01
C CYS A 417 -7.52 -4.90 3.04
N THR A 418 -6.49 -5.62 3.46
CA THR A 418 -5.65 -5.09 4.53
C THR A 418 -4.91 -3.83 4.21
N THR A 419 -4.75 -3.54 2.93
CA THR A 419 -3.93 -2.43 2.53
C THR A 419 -4.65 -1.48 1.53
N ALA A 420 -5.97 -1.47 1.59
CA ALA A 420 -6.79 -0.65 0.71
C ALA A 420 -6.44 0.84 0.70
N GLY A 421 -6.14 1.42 1.86
CA GLY A 421 -5.81 2.83 1.96
C GLY A 421 -4.66 3.25 1.06
N GLU A 422 -3.60 2.45 1.00
CA GLU A 422 -2.46 2.81 0.13
C GLU A 422 -2.73 2.38 -1.31
N LEU A 423 -3.55 1.38 -1.54
CA LEU A 423 -3.85 0.99 -2.94
C LEU A 423 -4.70 2.02 -3.72
N ILE A 424 -5.56 2.73 -3.02
CA ILE A 424 -6.45 3.66 -3.71
C ILE A 424 -5.73 4.82 -4.43
N GLY A 425 -4.52 5.17 -4.01
CA GLY A 425 -3.83 6.25 -4.70
C GLY A 425 -3.66 5.94 -6.19
N GLU A 426 -3.33 4.67 -6.52
CA GLU A 426 -3.20 4.29 -7.94
C GLU A 426 -4.53 4.53 -8.71
N ALA A 427 -5.64 4.18 -8.05
CA ALA A 427 -6.98 4.32 -8.64
C ALA A 427 -7.29 5.81 -8.79
N CYS A 428 -6.87 6.62 -7.82
CA CYS A 428 -7.11 8.07 -7.92
C CYS A 428 -6.39 8.68 -9.12
N LEU A 429 -5.13 8.30 -9.33
CA LEU A 429 -4.35 8.86 -10.44
C LEU A 429 -5.00 8.42 -11.76
N ALA A 430 -5.43 7.17 -11.79
CA ALA A 430 -6.11 6.63 -12.96
C ALA A 430 -7.34 7.49 -13.29
N MET A 431 -8.15 7.79 -12.28
CA MET A 431 -9.36 8.54 -12.59
C MET A 431 -9.10 10.00 -12.92
N GLU A 432 -8.08 10.57 -12.26
CA GLU A 432 -7.70 11.95 -12.50
C GLU A 432 -7.34 12.07 -14.00
N TYR A 433 -6.72 11.02 -14.55
CA TYR A 433 -6.30 10.93 -15.94
C TYR A 433 -7.38 10.43 -16.90
N GLY A 434 -8.54 10.04 -16.39
CA GLY A 434 -9.56 9.53 -17.27
C GLY A 434 -9.19 8.18 -17.85
N ALA A 435 -8.45 7.37 -17.13
CA ALA A 435 -8.03 6.07 -17.65
C ALA A 435 -9.16 5.06 -17.89
N SER A 436 -8.88 4.11 -18.78
CA SER A 436 -9.81 3.05 -19.08
C SER A 436 -9.30 1.86 -18.29
N SER A 437 -10.11 0.82 -18.13
CA SER A 437 -9.62 -0.34 -17.39
C SER A 437 -8.44 -0.98 -18.13
N GLU A 438 -8.41 -0.84 -19.45
CA GLU A 438 -7.34 -1.47 -20.22
C GLU A 438 -6.01 -0.76 -19.95
N ASP A 439 -6.08 0.55 -19.75
CA ASP A 439 -4.88 1.33 -19.44
C ASP A 439 -4.17 0.79 -18.17
N VAL A 440 -4.97 0.50 -17.15
CA VAL A 440 -4.43 -0.01 -15.89
C VAL A 440 -4.11 -1.48 -16.02
N GLY A 441 -4.99 -2.22 -16.71
CA GLY A 441 -4.75 -3.63 -16.85
C GLY A 441 -3.49 -3.98 -17.63
N ARG A 442 -3.05 -3.07 -18.51
CA ARG A 442 -1.86 -3.39 -19.30
C ARG A 442 -0.59 -2.83 -18.68
N THR A 443 -0.70 -2.18 -17.53
CA THR A 443 0.48 -1.67 -16.86
C THR A 443 1.12 -2.79 -16.06
N CYS A 444 2.43 -2.85 -16.03
CA CYS A 444 3.10 -3.93 -15.29
C CYS A 444 2.99 -3.64 -13.80
N HIS A 445 2.47 -4.57 -13.02
CA HIS A 445 2.42 -4.34 -11.57
C HIS A 445 3.37 -5.37 -10.95
N ALA A 446 4.08 -4.97 -9.92
CA ALA A 446 5.03 -5.89 -9.30
C ALA A 446 4.32 -7.12 -8.71
N HIS A 447 5.03 -8.26 -8.74
CA HIS A 447 4.52 -9.53 -8.21
C HIS A 447 5.46 -10.03 -7.14
N PRO A 448 4.95 -10.44 -5.97
CA PRO A 448 3.53 -10.48 -5.57
C PRO A 448 3.11 -9.21 -4.83
N THR A 449 2.03 -8.56 -5.28
CA THR A 449 1.52 -7.43 -4.52
C THR A 449 0.00 -7.45 -4.55
N MET A 450 -0.61 -6.82 -3.56
CA MET A 450 -2.04 -6.73 -3.59
C MET A 450 -2.45 -5.81 -4.75
N SER A 451 -1.56 -4.93 -5.23
CA SER A 451 -1.96 -4.06 -6.34
C SER A 451 -2.30 -4.90 -7.59
N GLU A 452 -1.82 -6.15 -7.63
CA GLU A 452 -2.14 -6.99 -8.81
C GLU A 452 -3.63 -7.27 -8.89
N ALA A 453 -4.33 -7.20 -7.77
CA ALA A 453 -5.79 -7.44 -7.80
C ALA A 453 -6.47 -6.28 -8.53
N LEU A 454 -5.91 -5.07 -8.45
CA LEU A 454 -6.50 -3.95 -9.17
C LEU A 454 -6.24 -4.18 -10.68
N LYS A 455 -5.03 -4.59 -11.02
CA LYS A 455 -4.68 -4.86 -12.42
C LYS A 455 -5.63 -5.93 -12.94
N GLU A 456 -5.82 -6.99 -12.18
CA GLU A 456 -6.67 -8.05 -12.70
C GLU A 456 -8.15 -7.76 -12.72
N ALA A 457 -8.63 -6.94 -11.78
CA ALA A 457 -10.05 -6.57 -11.77
C ALA A 457 -10.23 -5.73 -13.04
N CYS A 458 -9.22 -4.93 -13.41
CA CYS A 458 -9.36 -4.14 -14.66
C CYS A 458 -9.37 -5.08 -15.86
N MET A 459 -8.54 -6.12 -15.83
CA MET A 459 -8.49 -7.08 -16.91
C MET A 459 -9.85 -7.78 -17.05
N ALA A 460 -10.58 -7.94 -15.94
CA ALA A 460 -11.87 -8.61 -16.02
C ALA A 460 -12.88 -7.72 -16.75
N LEU A 461 -12.62 -6.41 -16.86
CA LEU A 461 -13.50 -5.53 -17.58
C LEU A 461 -13.24 -5.58 -19.09
N PHE A 462 -12.04 -5.29 -19.55
CA PHE A 462 -11.81 -5.31 -20.99
C PHE A 462 -11.45 -6.64 -21.62
N ALA A 463 -11.15 -7.66 -20.78
CA ALA A 463 -10.79 -8.97 -21.29
C ALA A 463 -11.21 -9.95 -20.23
N LYS A 464 -10.27 -10.78 -19.76
CA LYS A 464 -10.55 -11.71 -18.67
C LYS A 464 -9.39 -11.61 -17.69
N THR A 465 -9.66 -11.87 -16.41
CA THR A 465 -8.58 -11.88 -15.45
C THR A 465 -7.79 -13.18 -15.73
N ILE A 466 -6.56 -13.27 -15.22
CA ILE A 466 -5.74 -14.44 -15.47
C ILE A 466 -5.81 -15.42 -14.33
N ASN A 467 -5.71 -14.88 -13.11
CA ASN A 467 -5.67 -15.70 -11.93
C ASN A 467 -6.98 -15.99 -11.21
N PHE A 468 -8.09 -15.74 -11.87
CA PHE A 468 -9.41 -16.03 -11.31
C PHE A 468 -10.31 -16.25 -12.52
N ASN B 1 -0.82 -33.95 -31.71
CA ASN B 1 -2.24 -34.00 -31.27
C ASN B 1 -3.26 -33.45 -32.31
N PRO B 2 -2.99 -32.29 -32.98
CA PRO B 2 -1.87 -31.33 -32.98
C PRO B 2 -2.26 -30.05 -32.21
N TYR B 3 -1.27 -29.31 -31.72
CA TYR B 3 -1.57 -28.09 -30.97
C TYR B 3 -1.25 -26.81 -31.72
N ASP B 4 -1.89 -25.74 -31.31
CA ASP B 4 -1.66 -24.43 -31.89
C ASP B 4 -0.41 -23.87 -31.22
N VAL B 5 -0.30 -24.11 -29.92
CA VAL B 5 0.82 -23.59 -29.13
C VAL B 5 1.25 -24.56 -28.07
N VAL B 6 2.56 -24.76 -27.91
CA VAL B 6 3.02 -25.63 -26.84
C VAL B 6 3.98 -24.74 -26.01
N VAL B 7 3.75 -24.70 -24.71
CA VAL B 7 4.59 -23.88 -23.84
C VAL B 7 5.44 -24.80 -23.01
N ILE B 8 6.76 -24.61 -23.02
CA ILE B 8 7.63 -25.47 -22.23
C ILE B 8 8.05 -24.64 -21.01
N GLY B 9 7.54 -25.06 -19.83
CA GLY B 9 7.81 -24.34 -18.58
C GLY B 9 6.50 -23.84 -18.01
N GLY B 10 6.26 -24.11 -16.72
CA GLY B 10 5.01 -23.68 -16.13
C GLY B 10 5.18 -22.60 -15.05
N GLY B 11 6.23 -21.79 -15.15
CA GLY B 11 6.43 -20.71 -14.20
C GLY B 11 5.54 -19.53 -14.55
N PRO B 12 5.74 -18.35 -13.92
CA PRO B 12 4.94 -17.14 -14.18
C PRO B 12 4.84 -16.85 -15.68
N GLY B 13 5.94 -17.05 -16.39
CA GLY B 13 5.95 -16.81 -17.80
C GLY B 13 5.07 -17.85 -18.52
N GLY B 14 5.40 -19.11 -18.37
CA GLY B 14 4.64 -20.14 -19.10
C GLY B 14 3.21 -20.37 -18.70
N TYR B 15 2.90 -20.36 -17.40
CA TYR B 15 1.51 -20.63 -17.04
C TYR B 15 0.62 -19.48 -17.45
N VAL B 16 1.12 -18.23 -17.40
CA VAL B 16 0.31 -17.10 -17.86
C VAL B 16 0.18 -17.09 -19.40
N ALA B 17 1.25 -17.42 -20.10
CA ALA B 17 1.18 -17.44 -21.58
C ALA B 17 0.17 -18.55 -21.97
N SER B 18 0.19 -19.68 -21.24
CA SER B 18 -0.74 -20.81 -21.52
C SER B 18 -2.20 -20.41 -21.33
N ILE B 19 -2.50 -19.76 -20.21
CA ILE B 19 -3.89 -19.34 -19.94
C ILE B 19 -4.33 -18.26 -20.95
N LYS B 20 -3.46 -17.31 -21.22
CA LYS B 20 -3.86 -16.25 -22.13
C LYS B 20 -4.08 -16.79 -23.57
N ALA B 21 -3.22 -17.70 -24.03
CA ALA B 21 -3.33 -18.28 -25.37
C ALA B 21 -4.63 -19.06 -25.47
N ALA B 22 -4.94 -19.83 -24.43
CA ALA B 22 -6.18 -20.61 -24.41
C ALA B 22 -7.42 -19.71 -24.42
N GLN B 23 -7.34 -18.60 -23.70
CA GLN B 23 -8.44 -17.66 -23.64
C GLN B 23 -8.63 -17.02 -24.98
N LEU B 24 -7.53 -16.82 -25.71
CA LEU B 24 -7.61 -16.20 -27.03
C LEU B 24 -8.09 -17.18 -28.12
N GLY B 25 -8.35 -18.42 -27.73
CA GLY B 25 -8.85 -19.40 -28.68
C GLY B 25 -7.88 -20.46 -29.19
N MET B 26 -6.61 -20.39 -28.79
CA MET B 26 -5.65 -21.37 -29.27
C MET B 26 -5.62 -22.69 -28.50
N LYS B 27 -5.48 -23.79 -29.23
CA LYS B 27 -5.41 -25.09 -28.60
C LYS B 27 -3.99 -25.13 -28.01
N THR B 28 -3.95 -25.11 -26.70
CA THR B 28 -2.71 -24.96 -25.93
C THR B 28 -2.32 -26.06 -25.00
N ALA B 29 -1.03 -26.37 -24.98
CA ALA B 29 -0.52 -27.37 -24.05
C ALA B 29 0.67 -26.76 -23.31
N CYS B 30 0.85 -27.16 -22.06
CA CYS B 30 1.96 -26.65 -21.26
C CYS B 30 2.70 -27.86 -20.70
N VAL B 31 3.99 -27.93 -20.92
CA VAL B 31 4.84 -29.01 -20.46
C VAL B 31 5.69 -28.51 -19.28
N GLU B 32 5.61 -29.20 -18.14
CA GLU B 32 6.37 -28.83 -16.93
C GLU B 32 6.89 -30.09 -16.25
N LYS B 33 8.19 -30.11 -15.96
CA LYS B 33 8.84 -31.25 -15.38
C LYS B 33 8.88 -31.38 -13.86
N ARG B 34 8.66 -30.28 -13.15
CA ARG B 34 8.74 -30.24 -11.68
C ARG B 34 7.73 -31.08 -10.88
N GLY B 35 6.53 -31.27 -11.40
CA GLY B 35 5.57 -32.02 -10.62
C GLY B 35 4.53 -31.05 -10.04
N ALA B 36 4.74 -29.75 -10.26
CA ALA B 36 3.80 -28.75 -9.76
C ALA B 36 3.93 -27.55 -10.66
N LEU B 37 2.87 -26.77 -10.82
CA LEU B 37 2.95 -25.57 -11.68
C LEU B 37 3.43 -24.38 -10.81
N GLY B 38 3.73 -23.25 -11.43
CA GLY B 38 4.12 -22.08 -10.65
C GLY B 38 5.60 -21.74 -10.77
N GLY B 39 6.36 -22.69 -11.31
CA GLY B 39 7.80 -22.52 -11.51
C GLY B 39 8.60 -22.13 -10.28
N THR B 40 9.70 -21.43 -10.51
CA THR B 40 10.51 -21.00 -9.42
C THR B 40 9.79 -20.11 -8.42
N CYS B 41 9.07 -19.13 -8.95
CA CYS B 41 8.38 -18.15 -8.16
C CYS B 41 7.42 -18.74 -7.11
N LEU B 42 6.50 -19.59 -7.54
CA LEU B 42 5.50 -20.12 -6.59
C LEU B 42 6.03 -21.18 -5.65
N ASN B 43 6.91 -22.01 -6.18
CA ASN B 43 7.45 -23.11 -5.43
C ASN B 43 8.66 -22.87 -4.55
N VAL B 44 9.66 -22.16 -5.03
CA VAL B 44 10.89 -21.99 -4.24
C VAL B 44 11.45 -20.55 -4.34
N GLY B 45 10.58 -19.60 -4.62
CA GLY B 45 11.00 -18.22 -4.82
C GLY B 45 10.12 -17.17 -4.16
N CYS B 46 9.34 -16.43 -4.97
CA CYS B 46 8.50 -15.34 -4.52
C CYS B 46 7.64 -15.67 -3.31
N ILE B 47 6.86 -16.73 -3.46
CA ILE B 47 5.87 -17.05 -2.45
C ILE B 47 6.44 -17.53 -1.11
N PRO B 48 7.28 -18.57 -1.13
CA PRO B 48 7.78 -18.98 0.20
C PRO B 48 8.63 -17.90 0.88
N SER B 49 9.37 -17.11 0.09
CA SER B 49 10.18 -16.05 0.71
C SER B 49 9.26 -14.97 1.34
N LYS B 50 8.22 -14.53 0.63
CA LYS B 50 7.35 -13.51 1.23
C LYS B 50 6.58 -14.08 2.43
N ALA B 51 6.23 -15.38 2.37
CA ALA B 51 5.54 -15.99 3.52
C ALA B 51 6.43 -15.96 4.79
N LEU B 52 7.70 -16.30 4.64
CA LEU B 52 8.62 -16.30 5.79
C LEU B 52 8.99 -14.87 6.22
N LEU B 53 9.12 -13.94 5.26
CA LEU B 53 9.41 -12.56 5.64
C LEU B 53 8.23 -12.02 6.46
N HIS B 54 6.98 -12.39 6.09
CA HIS B 54 5.82 -11.93 6.84
C HIS B 54 5.82 -12.47 8.30
N ALA B 55 5.92 -13.80 8.44
CA ALA B 55 5.91 -14.42 9.77
C ALA B 55 7.06 -13.89 10.63
N THR B 56 8.24 -13.74 10.05
CA THR B 56 9.36 -13.24 10.85
C THR B 56 9.23 -11.75 11.16
N HIS B 57 8.56 -11.01 10.30
CA HIS B 57 8.38 -9.58 10.62
C HIS B 57 7.45 -9.47 11.86
N LEU B 58 6.42 -10.29 11.93
CA LEU B 58 5.54 -10.25 13.08
C LEU B 58 6.33 -10.57 14.34
N TYR B 59 7.20 -11.55 14.22
CA TYR B 59 8.01 -11.97 15.35
C TYR B 59 8.93 -10.83 15.80
N HIS B 60 9.61 -10.19 14.86
CA HIS B 60 10.50 -9.10 15.19
C HIS B 60 9.75 -7.93 15.86
N ASP B 61 8.60 -7.57 15.31
CA ASP B 61 7.81 -6.49 15.87
C ASP B 61 7.42 -6.79 17.32
N ALA B 62 6.98 -8.03 17.58
CA ALA B 62 6.57 -8.42 18.94
C ALA B 62 7.72 -8.18 19.91
N HIS B 63 8.93 -8.51 19.51
CA HIS B 63 10.07 -8.34 20.39
C HIS B 63 10.65 -6.95 20.44
N ALA B 64 10.70 -6.29 19.31
CA ALA B 64 11.31 -4.97 19.23
C ALA B 64 10.43 -3.75 19.39
N ASN B 65 9.20 -3.84 18.91
CA ASN B 65 8.33 -2.67 18.92
C ASN B 65 7.06 -2.70 19.74
N PHE B 66 6.61 -3.87 20.12
CA PHE B 66 5.34 -3.92 20.86
C PHE B 66 5.25 -2.96 22.06
N ALA B 67 6.29 -2.93 22.86
CA ALA B 67 6.25 -2.10 24.08
C ALA B 67 5.99 -0.63 23.79
N ARG B 68 6.54 -0.11 22.70
CA ARG B 68 6.34 1.32 22.38
C ARG B 68 4.86 1.70 22.24
N TYR B 69 4.05 0.78 21.75
CA TYR B 69 2.64 1.05 21.56
C TYR B 69 1.77 0.73 22.74
N GLY B 70 2.36 0.13 23.78
CA GLY B 70 1.61 -0.21 24.99
C GLY B 70 1.33 -1.69 25.15
N LEU B 71 1.86 -2.50 24.23
CA LEU B 71 1.61 -3.93 24.31
C LEU B 71 2.70 -4.57 25.16
N MET B 72 2.26 -5.31 26.18
CA MET B 72 3.21 -5.96 27.09
C MET B 72 3.24 -7.44 26.82
N GLY B 73 4.40 -8.05 27.07
CA GLY B 73 4.48 -9.50 26.89
C GLY B 73 5.03 -9.95 25.56
N GLY B 74 5.43 -9.01 24.71
CA GLY B 74 5.98 -9.38 23.41
C GLY B 74 7.24 -10.23 23.54
N GLU B 75 7.99 -10.01 24.62
CA GLU B 75 9.21 -10.77 24.89
C GLU B 75 8.91 -12.25 25.04
N GLY B 76 7.69 -12.60 25.42
CA GLY B 76 7.35 -13.99 25.60
C GLY B 76 6.97 -14.73 24.33
N VAL B 77 7.04 -14.05 23.18
CA VAL B 77 6.65 -14.70 21.94
C VAL B 77 7.80 -15.48 21.36
N THR B 78 7.55 -16.75 20.99
CA THR B 78 8.63 -17.57 20.40
C THR B 78 8.11 -18.09 19.08
N MET B 79 9.04 -18.48 18.21
CA MET B 79 8.68 -19.02 16.91
C MET B 79 8.92 -20.52 16.86
N ASP B 80 7.90 -21.30 16.56
CA ASP B 80 8.07 -22.76 16.42
C ASP B 80 8.49 -22.89 14.95
N SER B 81 9.77 -23.13 14.68
CA SER B 81 10.19 -23.17 13.29
C SER B 81 9.53 -24.24 12.43
N ALA B 82 9.09 -25.34 13.02
CA ALA B 82 8.41 -26.39 12.26
C ALA B 82 7.03 -25.91 11.83
N LYS B 83 6.33 -25.23 12.74
CA LYS B 83 5.00 -24.73 12.43
C LYS B 83 5.09 -23.58 11.44
N MET B 84 6.15 -22.80 11.57
CA MET B 84 6.35 -21.70 10.64
C MET B 84 6.52 -22.29 9.21
N GLN B 85 7.36 -23.32 9.07
CA GLN B 85 7.57 -23.91 7.73
C GLN B 85 6.30 -24.55 7.21
N GLN B 86 5.51 -25.11 8.11
CA GLN B 86 4.27 -25.78 7.72
C GLN B 86 3.25 -24.77 7.12
N GLN B 87 3.15 -23.58 7.71
CA GLN B 87 2.24 -22.55 7.18
C GLN B 87 2.79 -22.10 5.80
N LYS B 88 4.11 -21.97 5.69
CA LYS B 88 4.68 -21.56 4.42
C LYS B 88 4.28 -22.60 3.35
N GLU B 89 4.40 -23.89 3.67
CA GLU B 89 4.04 -24.92 2.67
C GLU B 89 2.56 -24.88 2.33
N ARG B 90 1.72 -24.61 3.32
CA ARG B 90 0.28 -24.50 3.11
C ARG B 90 0.00 -23.38 2.11
N ALA B 91 0.68 -22.26 2.29
CA ALA B 91 0.44 -21.15 1.39
C ALA B 91 0.90 -21.51 0.00
N VAL B 92 2.06 -22.13 -0.13
CA VAL B 92 2.56 -22.52 -1.45
C VAL B 92 1.61 -23.49 -2.13
N LYS B 93 1.13 -24.47 -1.35
CA LYS B 93 0.20 -25.47 -1.86
C LYS B 93 -1.11 -24.87 -2.37
N GLY B 94 -1.62 -23.87 -1.66
CA GLY B 94 -2.86 -23.23 -2.09
C GLY B 94 -2.69 -22.58 -3.46
N LEU B 95 -1.53 -21.97 -3.69
CA LEU B 95 -1.29 -21.27 -4.96
C LEU B 95 -0.97 -22.22 -6.12
N THR B 96 -0.14 -23.25 -5.90
CA THR B 96 0.20 -24.14 -6.99
C THR B 96 -1.01 -24.99 -7.40
N GLY B 97 -1.83 -25.40 -6.43
CA GLY B 97 -3.06 -26.13 -6.76
C GLY B 97 -4.01 -25.22 -7.52
N GLY B 98 -4.05 -23.95 -7.15
CA GLY B 98 -4.90 -22.99 -7.84
C GLY B 98 -4.56 -22.87 -9.33
N VAL B 99 -3.27 -22.93 -9.66
CA VAL B 99 -2.90 -22.81 -11.07
C VAL B 99 -3.41 -24.04 -11.86
N GLU B 100 -3.34 -25.21 -11.24
CA GLU B 100 -3.84 -26.40 -11.92
C GLU B 100 -5.32 -26.21 -12.23
N TYR B 101 -6.06 -25.60 -11.30
CA TYR B 101 -7.48 -25.37 -11.52
C TYR B 101 -7.71 -24.40 -12.68
N LEU B 102 -6.88 -23.36 -12.74
CA LEU B 102 -7.01 -22.40 -13.81
C LEU B 102 -6.74 -23.07 -15.15
N PHE B 103 -5.82 -24.03 -15.17
CA PHE B 103 -5.52 -24.75 -16.43
C PHE B 103 -6.76 -25.54 -16.83
N LYS B 104 -7.37 -26.23 -15.86
CA LYS B 104 -8.59 -26.98 -16.12
C LYS B 104 -9.70 -26.04 -16.62
N LYS B 105 -9.93 -24.96 -15.89
CA LYS B 105 -10.94 -23.97 -16.25
C LYS B 105 -10.76 -23.40 -17.66
N ASN B 106 -9.52 -23.16 -18.05
CA ASN B 106 -9.23 -22.59 -19.35
C ASN B 106 -8.95 -23.62 -20.43
N LYS B 107 -9.03 -24.90 -20.10
CA LYS B 107 -8.79 -25.97 -21.07
C LYS B 107 -7.36 -26.01 -21.59
N VAL B 108 -6.41 -25.78 -20.71
CA VAL B 108 -5.03 -25.88 -21.13
C VAL B 108 -4.70 -27.35 -20.87
N THR B 109 -4.07 -28.04 -21.82
CA THR B 109 -3.67 -29.42 -21.60
C THR B 109 -2.31 -29.41 -20.89
N TYR B 110 -2.24 -30.11 -19.76
CA TYR B 110 -1.05 -30.11 -18.96
C TYR B 110 -0.26 -31.40 -19.02
N TYR B 111 0.98 -31.33 -19.50
CA TYR B 111 1.84 -32.51 -19.55
C TYR B 111 2.92 -32.45 -18.48
N LYS B 112 3.00 -33.51 -17.67
CA LYS B 112 4.01 -33.56 -16.63
C LYS B 112 5.22 -34.33 -17.10
N GLY B 113 6.29 -33.61 -17.41
CA GLY B 113 7.50 -34.24 -17.88
C GLY B 113 8.43 -33.19 -18.48
N GLU B 114 9.56 -33.66 -18.99
CA GLU B 114 10.53 -32.79 -19.57
C GLU B 114 10.28 -32.69 -21.08
N GLY B 115 10.28 -31.46 -21.59
CA GLY B 115 10.03 -31.23 -23.00
C GLY B 115 11.37 -31.03 -23.67
N SER B 116 11.48 -31.54 -24.90
CA SER B 116 12.71 -31.44 -25.67
C SER B 116 12.37 -31.24 -27.15
N PHE B 117 13.16 -30.46 -27.87
CA PHE B 117 12.88 -30.27 -29.27
C PHE B 117 13.39 -31.44 -30.09
N GLU B 118 12.55 -31.92 -31.01
CA GLU B 118 12.93 -32.98 -31.93
C GLU B 118 13.21 -32.16 -33.22
N THR B 119 12.25 -31.31 -33.60
CA THR B 119 12.36 -30.41 -34.75
C THR B 119 11.68 -29.15 -34.22
N ALA B 120 11.66 -28.10 -35.00
CA ALA B 120 11.06 -26.86 -34.57
C ALA B 120 9.57 -27.00 -34.34
N HIS B 121 8.97 -28.08 -34.85
CA HIS B 121 7.53 -28.27 -34.68
C HIS B 121 7.12 -29.55 -33.98
N SER B 122 8.08 -30.30 -33.45
CA SER B 122 7.77 -31.52 -32.72
C SER B 122 8.59 -31.58 -31.46
N ILE B 123 7.87 -31.80 -30.37
CA ILE B 123 8.43 -31.79 -29.04
C ILE B 123 8.25 -33.12 -28.38
N ARG B 124 9.34 -33.65 -27.86
CA ARG B 124 9.30 -34.90 -27.17
C ARG B 124 9.08 -34.62 -25.68
N VAL B 125 8.13 -35.34 -25.11
CA VAL B 125 7.87 -35.20 -23.68
C VAL B 125 8.26 -36.50 -23.01
N ASN B 126 9.25 -36.41 -22.13
CA ASN B 126 9.66 -37.57 -21.36
C ASN B 126 8.86 -37.48 -20.06
N GLY B 127 7.71 -38.16 -20.04
CA GLY B 127 6.82 -38.13 -18.88
C GLY B 127 7.45 -38.51 -17.57
N LEU B 128 6.93 -37.95 -16.47
CA LEU B 128 7.45 -38.27 -15.15
C LEU B 128 7.18 -39.76 -14.84
N ASP B 129 6.13 -40.29 -15.45
CA ASP B 129 5.71 -41.70 -15.31
C ASP B 129 6.45 -42.63 -16.28
N GLY B 130 7.55 -42.15 -16.87
CA GLY B 130 8.31 -42.98 -17.79
C GLY B 130 7.86 -43.00 -19.25
N LYS B 131 6.59 -42.73 -19.51
CA LYS B 131 6.08 -42.75 -20.87
C LYS B 131 6.49 -41.56 -21.72
N GLN B 132 6.82 -41.84 -22.96
CA GLN B 132 7.22 -40.79 -23.89
C GLN B 132 6.13 -40.44 -24.87
N GLU B 133 6.09 -39.18 -25.27
CA GLU B 133 5.10 -38.73 -26.22
C GLU B 133 5.68 -37.69 -27.10
N MET B 134 5.10 -37.55 -28.29
CA MET B 134 5.57 -36.57 -29.24
C MET B 134 4.42 -35.62 -29.45
N LEU B 135 4.69 -34.35 -29.29
CA LEU B 135 3.68 -33.33 -29.49
C LEU B 135 3.98 -32.65 -30.81
N GLU B 136 2.94 -32.36 -31.57
CA GLU B 136 3.14 -31.66 -32.82
C GLU B 136 2.44 -30.35 -32.59
N THR B 137 3.04 -29.26 -33.02
CA THR B 137 2.46 -27.96 -32.77
C THR B 137 2.79 -26.97 -33.86
N LYS B 138 2.05 -25.88 -33.92
CA LYS B 138 2.33 -24.83 -34.89
C LYS B 138 3.34 -23.84 -34.34
N LYS B 139 3.27 -23.59 -33.03
CA LYS B 139 4.14 -22.60 -32.41
C LYS B 139 4.61 -23.14 -31.05
N THR B 140 5.80 -22.72 -30.63
CA THR B 140 6.32 -23.17 -29.33
C THR B 140 6.85 -21.97 -28.54
N ILE B 141 6.54 -21.91 -27.25
CA ILE B 141 7.05 -20.84 -26.40
C ILE B 141 8.00 -21.50 -25.39
N ILE B 142 9.24 -21.04 -25.39
CA ILE B 142 10.22 -21.54 -24.46
C ILE B 142 10.10 -20.65 -23.22
N ALA B 143 9.78 -21.24 -22.05
CA ALA B 143 9.68 -20.44 -20.81
C ALA B 143 10.33 -21.29 -19.73
N THR B 144 11.57 -21.71 -19.98
CA THR B 144 12.27 -22.61 -19.11
C THR B 144 13.01 -21.97 -17.91
N GLY B 145 12.98 -20.65 -17.84
CA GLY B 145 13.47 -19.98 -16.65
C GLY B 145 14.93 -19.98 -16.33
N SER B 146 15.24 -20.08 -15.03
CA SER B 146 16.63 -19.96 -14.59
C SER B 146 16.93 -20.88 -13.42
N GLU B 147 18.19 -20.87 -13.00
CA GLU B 147 18.59 -21.69 -11.85
C GLU B 147 19.67 -20.89 -11.09
N PRO B 148 19.94 -21.25 -9.84
CA PRO B 148 20.96 -20.52 -9.07
C PRO B 148 22.41 -20.70 -9.63
N THR B 149 23.19 -19.64 -9.63
CA THR B 149 24.57 -19.76 -10.04
C THR B 149 25.37 -20.41 -8.93
N GLU B 150 26.11 -21.47 -9.24
CA GLU B 150 26.89 -22.20 -8.25
C GLU B 150 28.34 -21.66 -8.18
N LEU B 151 28.99 -21.72 -7.02
CA LEU B 151 30.41 -21.36 -6.92
C LEU B 151 31.07 -22.69 -7.27
N PRO B 152 31.95 -22.71 -8.28
CA PRO B 152 32.63 -23.97 -8.68
C PRO B 152 33.44 -24.68 -7.62
N PHE B 153 34.02 -23.92 -6.69
CA PHE B 153 34.82 -24.54 -5.66
C PHE B 153 34.06 -24.90 -4.40
N LEU B 154 32.77 -24.57 -4.35
CA LEU B 154 31.94 -24.88 -3.19
C LEU B 154 30.54 -25.21 -3.74
N PRO B 155 30.38 -26.40 -4.33
CA PRO B 155 29.09 -26.83 -4.89
C PRO B 155 27.98 -26.88 -3.84
N PHE B 156 26.73 -26.66 -4.27
CA PHE B 156 25.62 -26.74 -3.34
C PHE B 156 25.39 -28.19 -2.88
N ASP B 157 25.11 -28.37 -1.59
CA ASP B 157 24.70 -29.68 -1.12
C ASP B 157 23.35 -29.48 -0.44
N GLU B 158 22.88 -28.23 -0.37
CA GLU B 158 21.59 -27.88 0.26
C GLU B 158 21.49 -28.37 1.69
N LYS B 159 22.64 -28.56 2.32
CA LYS B 159 22.67 -28.95 3.72
C LYS B 159 23.43 -27.84 4.44
N VAL B 160 24.63 -27.49 3.97
CA VAL B 160 25.38 -26.39 4.57
C VAL B 160 25.77 -25.36 3.51
N VAL B 161 25.92 -25.80 2.26
CA VAL B 161 26.18 -24.85 1.18
C VAL B 161 24.83 -24.86 0.47
N LEU B 162 24.09 -23.78 0.70
CA LEU B 162 22.73 -23.61 0.26
C LEU B 162 22.50 -22.66 -0.86
N SER B 163 21.48 -22.97 -1.65
CA SER B 163 21.08 -22.00 -2.70
C SER B 163 19.84 -21.44 -2.00
N SER B 164 19.11 -20.52 -2.63
CA SER B 164 17.91 -19.99 -2.02
C SER B 164 16.91 -21.10 -1.70
N THR B 165 16.92 -22.18 -2.48
CA THR B 165 15.96 -23.24 -2.24
C THR B 165 16.26 -23.89 -0.87
N GLY B 166 17.51 -24.26 -0.65
CA GLY B 166 17.90 -24.84 0.64
C GLY B 166 17.69 -23.87 1.80
N ALA B 167 17.95 -22.59 1.59
CA ALA B 167 17.80 -21.61 2.68
C ALA B 167 16.35 -21.42 3.06
N LEU B 168 15.43 -21.58 2.12
CA LEU B 168 14.01 -21.43 2.42
C LEU B 168 13.48 -22.64 3.20
N ALA B 169 14.21 -23.74 3.14
CA ALA B 169 13.74 -24.94 3.76
C ALA B 169 14.41 -25.39 5.05
N LEU B 170 15.29 -24.56 5.61
CA LEU B 170 15.98 -24.92 6.84
C LEU B 170 14.98 -25.29 7.91
N PRO B 171 15.20 -26.43 8.57
CA PRO B 171 14.30 -26.90 9.63
C PRO B 171 14.53 -26.19 11.00
N ARG B 172 15.66 -25.52 11.14
CA ARG B 172 15.94 -24.82 12.37
C ARG B 172 16.81 -23.61 12.08
N VAL B 173 16.82 -22.66 13.01
CA VAL B 173 17.61 -21.43 12.84
C VAL B 173 19.08 -21.68 12.98
N PRO B 174 19.88 -21.35 11.96
CA PRO B 174 21.32 -21.59 12.12
C PRO B 174 21.89 -20.60 13.11
N LYS B 175 22.98 -20.97 13.78
CA LYS B 175 23.58 -20.05 14.74
C LYS B 175 24.24 -18.90 14.04
N THR B 176 24.91 -19.23 12.95
CA THR B 176 25.64 -18.27 12.17
C THR B 176 25.36 -18.60 10.71
N MET B 177 25.29 -17.57 9.89
CA MET B 177 25.03 -17.75 8.50
C MET B 177 25.74 -16.67 7.72
N VAL B 178 26.39 -17.04 6.63
CA VAL B 178 27.07 -16.07 5.81
C VAL B 178 26.29 -16.05 4.49
N VAL B 179 26.10 -14.87 3.92
CA VAL B 179 25.38 -14.77 2.67
C VAL B 179 26.34 -14.18 1.70
N ILE B 180 26.58 -14.87 0.57
CA ILE B 180 27.47 -14.31 -0.46
C ILE B 180 26.58 -13.68 -1.55
N GLY B 181 26.68 -12.36 -1.70
CA GLY B 181 25.90 -11.65 -2.69
C GLY B 181 24.87 -10.78 -1.98
N GLY B 182 25.10 -9.47 -1.95
CA GLY B 182 24.15 -8.62 -1.23
C GLY B 182 23.06 -8.08 -2.13
N GLY B 183 22.48 -8.96 -2.95
CA GLY B 183 21.40 -8.57 -3.84
C GLY B 183 20.02 -8.79 -3.18
N VAL B 184 18.94 -8.63 -3.94
CA VAL B 184 17.62 -8.80 -3.39
C VAL B 184 17.40 -10.17 -2.69
N ILE B 185 17.79 -11.25 -3.33
CA ILE B 185 17.57 -12.55 -2.69
C ILE B 185 18.39 -12.74 -1.38
N GLY B 186 19.67 -12.36 -1.40
CA GLY B 186 20.48 -12.50 -0.19
C GLY B 186 19.94 -11.66 0.99
N LEU B 187 19.55 -10.42 0.71
CA LEU B 187 19.05 -9.55 1.76
C LEU B 187 17.73 -10.03 2.31
N GLU B 188 16.82 -10.52 1.45
CA GLU B 188 15.55 -11.02 1.99
C GLU B 188 15.76 -12.29 2.82
N LEU B 189 16.48 -13.23 2.25
CA LEU B 189 16.72 -14.50 2.96
C LEU B 189 17.61 -14.27 4.20
N GLY B 190 18.61 -13.41 4.09
CA GLY B 190 19.37 -13.12 5.31
C GLY B 190 18.47 -12.48 6.39
N SER B 191 17.52 -11.61 6.01
CA SER B 191 16.64 -11.00 7.05
C SER B 191 15.76 -12.06 7.72
N VAL B 192 15.27 -13.03 6.96
CA VAL B 192 14.42 -14.02 7.59
C VAL B 192 15.12 -14.65 8.78
N TRP B 193 16.31 -15.19 8.54
CA TRP B 193 17.02 -15.88 9.59
C TRP B 193 17.63 -14.99 10.65
N ALA B 194 18.08 -13.79 10.27
CA ALA B 194 18.63 -12.85 11.27
C ALA B 194 17.51 -12.49 12.27
N ARG B 195 16.26 -12.38 11.80
CA ARG B 195 15.17 -12.01 12.72
C ARG B 195 14.93 -13.06 13.79
N LEU B 196 15.19 -14.30 13.45
CA LEU B 196 14.95 -15.41 14.36
C LEU B 196 16.15 -15.75 15.22
N GLY B 197 17.20 -14.94 15.12
CA GLY B 197 18.34 -15.21 15.99
C GLY B 197 19.66 -15.48 15.31
N ALA B 198 19.69 -15.80 14.02
CA ALA B 198 20.99 -16.08 13.44
C ALA B 198 21.88 -14.88 13.30
N GLU B 199 23.20 -15.08 13.49
CA GLU B 199 24.14 -14.01 13.27
C GLU B 199 24.42 -14.11 11.79
N VAL B 200 23.99 -13.10 11.05
CA VAL B 200 24.18 -13.11 9.61
C VAL B 200 25.20 -12.11 9.13
N THR B 201 26.09 -12.55 8.25
CA THR B 201 27.09 -11.68 7.67
C THR B 201 26.89 -11.67 6.14
N VAL B 202 26.78 -10.49 5.52
CA VAL B 202 26.63 -10.43 4.08
C VAL B 202 27.94 -10.03 3.43
N VAL B 203 28.39 -10.85 2.47
CA VAL B 203 29.66 -10.60 1.77
C VAL B 203 29.32 -10.21 0.36
N GLU B 204 29.71 -9.02 -0.03
CA GLU B 204 29.40 -8.49 -1.34
C GLU B 204 30.66 -7.96 -1.99
N PHE B 205 30.86 -8.34 -3.23
CA PHE B 205 32.01 -7.90 -4.00
C PHE B 205 31.95 -6.40 -4.35
N ALA B 206 30.74 -5.91 -4.68
CA ALA B 206 30.57 -4.49 -5.04
C ALA B 206 30.75 -3.62 -3.80
N PRO B 207 31.02 -2.31 -4.00
CA PRO B 207 31.23 -1.28 -2.95
C PRO B 207 30.06 -1.20 -1.99
N ARG B 208 28.89 -1.53 -2.50
CA ARG B 208 27.70 -1.55 -1.66
C ARG B 208 26.70 -2.62 -2.10
N CYS B 209 25.80 -2.98 -1.18
CA CYS B 209 24.76 -3.98 -1.48
C CYS B 209 23.80 -3.40 -2.53
N ALA B 210 22.99 -4.27 -3.13
CA ALA B 210 22.03 -3.89 -4.18
C ALA B 210 22.65 -2.73 -4.98
N PRO B 211 23.81 -2.98 -5.63
CA PRO B 211 24.56 -2.00 -6.44
C PRO B 211 23.76 -1.33 -7.57
N THR B 212 22.66 -1.95 -7.94
CA THR B 212 21.78 -1.44 -8.98
C THR B 212 20.97 -0.21 -8.50
N LEU B 213 20.85 -0.07 -7.18
CA LEU B 213 20.09 1.04 -6.60
C LEU B 213 21.03 2.19 -6.19
N ASP B 214 20.46 3.38 -6.12
CA ASP B 214 21.22 4.55 -5.72
C ASP B 214 21.69 4.40 -4.30
N GLU B 215 22.78 5.07 -4.04
CA GLU B 215 23.37 5.01 -2.72
C GLU B 215 22.44 5.52 -1.60
N ASP B 216 21.69 6.61 -1.80
CA ASP B 216 20.83 7.05 -0.69
C ASP B 216 19.78 5.99 -0.37
N VAL B 217 19.32 5.27 -1.40
CA VAL B 217 18.33 4.21 -1.15
C VAL B 217 18.93 3.01 -0.37
N THR B 218 20.07 2.50 -0.84
CA THR B 218 20.64 1.34 -0.17
C THR B 218 21.15 1.70 1.20
N ASN B 219 21.55 2.95 1.34
CA ASN B 219 22.00 3.43 2.64
C ASN B 219 20.90 3.35 3.68
N ALA B 220 19.70 3.78 3.27
CA ALA B 220 18.56 3.76 4.17
C ALA B 220 18.27 2.31 4.52
N LEU B 221 18.35 1.42 3.53
CA LEU B 221 18.06 0.00 3.80
C LEU B 221 19.11 -0.70 4.66
N VAL B 222 20.36 -0.62 4.26
CA VAL B 222 21.41 -1.27 5.06
C VAL B 222 21.48 -0.74 6.50
N GLY B 223 21.20 0.57 6.68
CA GLY B 223 21.20 1.15 8.03
C GLY B 223 20.14 0.49 8.88
N ALA B 224 18.98 0.23 8.27
CA ALA B 224 17.92 -0.41 9.03
C ALA B 224 18.28 -1.87 9.32
N LEU B 225 18.83 -2.57 8.33
CA LEU B 225 19.20 -3.98 8.50
C LEU B 225 20.25 -4.11 9.60
N ALA B 226 21.18 -3.16 9.65
CA ALA B 226 22.24 -3.19 10.66
C ALA B 226 21.70 -2.91 12.05
N LYS B 227 20.66 -2.09 12.13
CA LYS B 227 20.09 -1.75 13.40
C LYS B 227 19.08 -2.74 13.93
N ASN B 228 18.18 -3.21 13.08
CA ASN B 228 17.14 -4.10 13.50
C ASN B 228 17.50 -5.56 13.43
N GLU B 229 17.99 -6.03 12.29
CA GLU B 229 18.35 -7.44 12.15
C GLU B 229 19.76 -7.74 12.68
N LYS B 230 20.54 -6.67 12.92
CA LYS B 230 21.91 -6.77 13.43
C LYS B 230 22.77 -7.48 12.42
N MET B 231 22.48 -7.26 11.15
CA MET B 231 23.27 -7.90 10.13
C MET B 231 24.59 -7.17 9.98
N LYS B 232 25.62 -7.93 9.63
CA LYS B 232 26.94 -7.39 9.46
C LYS B 232 27.20 -7.40 7.95
N PHE B 233 27.84 -6.36 7.42
CA PHE B 233 28.11 -6.29 6.01
C PHE B 233 29.58 -6.17 5.70
N MET B 234 30.04 -6.91 4.70
CA MET B 234 31.44 -6.86 4.29
C MET B 234 31.38 -6.60 2.81
N THR B 235 31.52 -5.35 2.41
CA THR B 235 31.46 -4.98 1.03
C THR B 235 32.88 -4.92 0.50
N SER B 236 33.03 -4.77 -0.81
CA SER B 236 34.34 -4.77 -1.46
C SER B 236 35.15 -5.99 -0.99
N THR B 237 34.46 -7.11 -0.80
CA THR B 237 35.10 -8.34 -0.33
C THR B 237 34.89 -9.46 -1.33
N LYS B 238 35.99 -10.15 -1.65
CA LYS B 238 36.00 -11.25 -2.60
C LYS B 238 36.11 -12.59 -1.85
N VAL B 239 35.40 -13.60 -2.36
CA VAL B 239 35.47 -14.94 -1.78
C VAL B 239 36.50 -15.64 -2.62
N VAL B 240 37.56 -16.14 -1.97
CA VAL B 240 38.63 -16.79 -2.73
C VAL B 240 38.75 -18.28 -2.58
N GLY B 241 38.08 -18.83 -1.58
CA GLY B 241 38.12 -20.26 -1.40
C GLY B 241 37.20 -20.66 -0.29
N GLY B 242 37.06 -21.95 -0.08
CA GLY B 242 36.20 -22.39 1.00
C GLY B 242 36.27 -23.88 1.13
N THR B 243 35.75 -24.38 2.21
CA THR B 243 35.73 -25.79 2.45
C THR B 243 34.41 -26.14 3.10
N ASN B 244 33.78 -27.18 2.60
CA ASN B 244 32.56 -27.65 3.19
C ASN B 244 33.04 -28.72 4.14
N ASN B 245 32.87 -28.50 5.45
CA ASN B 245 33.34 -29.43 6.50
C ASN B 245 32.25 -30.41 6.93
N GLY B 246 31.13 -30.44 6.18
CA GLY B 246 30.05 -31.34 6.53
C GLY B 246 28.98 -30.74 7.40
N ASP B 247 29.37 -30.16 8.53
CA ASP B 247 28.41 -29.56 9.43
C ASP B 247 28.65 -28.06 9.59
N SER B 248 29.62 -27.54 8.84
CA SER B 248 29.92 -26.10 8.85
C SER B 248 30.70 -25.81 7.60
N VAL B 249 30.91 -24.53 7.32
CA VAL B 249 31.68 -24.12 6.19
C VAL B 249 32.75 -23.13 6.63
N SER B 250 33.92 -23.22 6.00
CA SER B 250 35.01 -22.30 6.26
C SER B 250 35.17 -21.57 4.95
N LEU B 251 35.06 -20.26 4.99
CA LEU B 251 35.17 -19.43 3.81
C LEU B 251 36.38 -18.55 3.94
N GLU B 252 37.14 -18.40 2.85
CA GLU B 252 38.29 -17.52 2.87
C GLU B 252 37.94 -16.33 2.03
N VAL B 253 38.05 -15.13 2.59
CA VAL B 253 37.71 -13.90 1.86
C VAL B 253 38.88 -12.90 1.88
N GLU B 254 38.80 -11.86 1.04
CA GLU B 254 39.82 -10.82 1.03
C GLU B 254 39.30 -9.44 0.55
N GLY B 255 39.67 -8.37 1.27
CA GLY B 255 39.23 -7.03 0.90
C GLY B 255 40.32 -6.13 0.31
N LYS B 259 44.39 -8.31 1.62
CA LYS B 259 44.40 -8.90 2.97
C LYS B 259 43.36 -10.01 3.15
N ARG B 260 43.81 -11.21 3.51
CA ARG B 260 42.90 -12.35 3.69
C ARG B 260 42.24 -12.49 5.03
N GLU B 261 41.33 -13.46 5.11
CA GLU B 261 40.58 -13.71 6.31
C GLU B 261 39.67 -14.93 6.16
N THR B 262 39.44 -15.64 7.26
CA THR B 262 38.61 -16.82 7.23
C THR B 262 37.35 -16.70 8.06
N VAL B 263 36.20 -16.99 7.48
CA VAL B 263 34.94 -16.89 8.21
C VAL B 263 34.36 -18.31 8.38
N THR B 264 33.79 -18.61 9.55
CA THR B 264 33.23 -19.93 9.81
C THR B 264 31.74 -19.82 10.03
N CYS B 265 30.95 -20.66 9.36
CA CYS B 265 29.52 -20.54 9.58
C CYS B 265 28.83 -21.87 9.52
N GLU B 266 27.68 -21.93 10.16
CA GLU B 266 26.93 -23.14 10.19
C GLU B 266 26.17 -23.33 8.86
N ALA B 267 25.82 -22.23 8.20
CA ALA B 267 25.09 -22.31 6.93
C ALA B 267 25.59 -21.22 6.00
N LEU B 268 25.82 -21.56 4.74
CA LEU B 268 26.30 -20.57 3.77
C LEU B 268 25.24 -20.44 2.68
N LEU B 269 24.78 -19.21 2.42
CA LEU B 269 23.78 -18.99 1.36
C LEU B 269 24.58 -18.37 0.22
N VAL B 270 24.58 -19.02 -0.93
CA VAL B 270 25.29 -18.48 -2.09
C VAL B 270 24.18 -17.87 -2.95
N SER B 271 24.12 -16.56 -3.04
CA SER B 271 23.08 -15.95 -3.87
C SER B 271 23.79 -14.92 -4.71
N VAL B 272 24.74 -15.38 -5.52
CA VAL B 272 25.49 -14.47 -6.37
C VAL B 272 24.76 -14.13 -7.64
N GLY B 273 23.81 -14.98 -8.05
CA GLY B 273 23.09 -14.67 -9.26
C GLY B 273 22.31 -15.87 -9.75
N ARG B 274 21.62 -15.70 -10.88
CA ARG B 274 20.88 -16.81 -11.45
C ARG B 274 21.26 -16.83 -12.91
N ARG B 275 21.26 -18.02 -13.50
CA ARG B 275 21.60 -18.15 -14.88
C ARG B 275 20.42 -18.74 -15.64
N PRO B 276 20.30 -18.38 -16.93
CA PRO B 276 19.20 -18.90 -17.75
C PRO B 276 19.32 -20.39 -17.87
N PHE B 277 18.19 -21.08 -17.85
CA PHE B 277 18.24 -22.54 -17.89
C PHE B 277 17.62 -23.12 -19.14
N THR B 278 18.41 -23.91 -19.89
CA THR B 278 17.94 -24.56 -21.13
C THR B 278 18.42 -25.99 -21.19
N GLY B 279 18.75 -26.53 -20.03
CA GLY B 279 19.24 -27.88 -19.97
C GLY B 279 18.22 -28.90 -20.45
N GLY B 280 18.71 -29.81 -21.32
CA GLY B 280 17.87 -30.87 -21.85
C GLY B 280 16.86 -30.44 -22.89
N LEU B 281 16.85 -29.15 -23.22
CA LEU B 281 15.86 -28.63 -24.16
C LEU B 281 16.08 -28.98 -25.64
N GLY B 282 17.31 -29.29 -25.99
CA GLY B 282 17.64 -29.63 -27.35
C GLY B 282 17.76 -28.43 -28.28
N LEU B 283 18.08 -27.26 -27.72
CA LEU B 283 18.21 -26.05 -28.52
C LEU B 283 19.28 -26.15 -29.60
N ASP B 284 20.31 -26.93 -29.34
CA ASP B 284 21.40 -27.07 -30.27
C ASP B 284 20.95 -27.91 -31.44
N LYS B 285 20.09 -28.87 -31.17
CA LYS B 285 19.55 -29.72 -32.22
C LYS B 285 18.82 -28.87 -33.27
N ILE B 286 18.14 -27.79 -32.87
CA ILE B 286 17.41 -26.99 -33.85
C ILE B 286 17.99 -25.63 -34.14
N ASN B 287 19.16 -25.38 -33.55
CA ASN B 287 19.92 -24.12 -33.75
C ASN B 287 19.26 -22.83 -33.30
N VAL B 288 18.58 -22.85 -32.14
CA VAL B 288 18.01 -21.63 -31.57
C VAL B 288 19.22 -20.90 -30.98
N ALA B 289 19.44 -19.65 -31.38
CA ALA B 289 20.61 -18.88 -30.95
C ALA B 289 20.58 -18.36 -29.50
N LYS B 290 21.70 -18.49 -28.80
CA LYS B 290 21.84 -18.02 -27.42
C LYS B 290 23.02 -17.07 -27.35
N ASN B 291 23.03 -16.12 -26.41
CA ASN B 291 24.19 -15.24 -26.30
C ASN B 291 25.24 -15.93 -25.43
N GLU B 292 26.37 -15.28 -25.20
CA GLU B 292 27.45 -15.89 -24.43
C GLU B 292 27.12 -16.27 -22.99
N ARG B 293 26.09 -15.63 -22.45
CA ARG B 293 25.68 -15.92 -21.09
C ARG B 293 24.68 -17.04 -21.06
N GLY B 294 24.27 -17.51 -22.24
CA GLY B 294 23.32 -18.60 -22.27
C GLY B 294 21.87 -18.19 -22.39
N PHE B 295 21.60 -16.90 -22.50
CA PHE B 295 20.22 -16.43 -22.67
C PHE B 295 19.78 -16.69 -24.08
N VAL B 296 18.51 -17.02 -24.24
CA VAL B 296 17.96 -17.22 -25.59
C VAL B 296 17.75 -15.82 -26.18
N LYS B 297 18.26 -15.60 -27.41
CA LYS B 297 18.11 -14.28 -28.06
C LYS B 297 16.73 -14.12 -28.71
N ILE B 298 16.07 -13.00 -28.42
CA ILE B 298 14.76 -12.77 -29.00
C ILE B 298 14.67 -11.41 -29.61
N GLY B 299 13.66 -11.22 -30.46
CA GLY B 299 13.42 -9.93 -31.08
C GLY B 299 12.28 -9.24 -30.34
N ASP B 300 11.78 -8.16 -30.93
CA ASP B 300 10.69 -7.38 -30.34
C ASP B 300 9.39 -8.12 -30.21
N HIS B 301 9.23 -9.23 -30.93
CA HIS B 301 8.01 -9.97 -30.81
C HIS B 301 8.23 -11.33 -30.14
N PHE B 302 9.32 -11.41 -29.39
CA PHE B 302 9.67 -12.64 -28.64
C PHE B 302 10.12 -13.80 -29.46
N GLU B 303 10.31 -13.54 -30.76
CA GLU B 303 10.72 -14.59 -31.66
C GLU B 303 12.21 -14.91 -31.50
N THR B 304 12.56 -16.21 -31.54
CA THR B 304 13.94 -16.63 -31.48
C THR B 304 14.47 -16.60 -32.90
N SER B 305 15.68 -17.12 -33.09
CA SER B 305 16.27 -17.13 -34.42
C SER B 305 15.58 -18.17 -35.31
N ILE B 306 14.78 -19.06 -34.72
CA ILE B 306 14.09 -20.10 -35.48
C ILE B 306 12.61 -19.80 -35.64
N PRO B 307 12.13 -19.72 -36.90
CA PRO B 307 10.71 -19.42 -37.14
C PRO B 307 9.79 -20.31 -36.32
N ASP B 308 8.75 -19.70 -35.76
CA ASP B 308 7.74 -20.44 -34.98
C ASP B 308 8.17 -20.83 -33.58
N VAL B 309 9.36 -20.44 -33.17
CA VAL B 309 9.81 -20.75 -31.81
C VAL B 309 10.04 -19.39 -31.13
N TYR B 310 9.39 -19.19 -29.99
CA TYR B 310 9.44 -17.93 -29.22
C TYR B 310 9.97 -18.24 -27.81
N ALA B 311 10.34 -17.20 -27.07
CA ALA B 311 10.82 -17.40 -25.71
C ALA B 311 10.46 -16.19 -24.84
N ILE B 312 10.24 -16.44 -23.56
CA ILE B 312 9.87 -15.36 -22.63
C ILE B 312 10.43 -15.66 -21.25
N GLY B 313 10.32 -14.68 -20.35
CA GLY B 313 10.73 -14.87 -18.97
C GLY B 313 12.20 -14.78 -18.64
N ASP B 314 12.61 -15.51 -17.60
CA ASP B 314 13.99 -15.42 -17.16
C ASP B 314 15.02 -15.90 -18.17
N VAL B 315 14.62 -16.78 -19.09
CA VAL B 315 15.56 -17.33 -20.04
C VAL B 315 15.96 -16.40 -21.17
N VAL B 316 15.28 -15.27 -21.34
CA VAL B 316 15.60 -14.42 -22.49
C VAL B 316 16.53 -13.25 -22.22
N ASP B 317 17.17 -12.78 -23.29
CA ASP B 317 18.14 -11.70 -23.16
C ASP B 317 17.55 -10.29 -22.99
N LYS B 318 16.35 -10.18 -22.46
CA LYS B 318 15.71 -8.89 -22.28
C LYS B 318 15.15 -8.70 -20.88
N GLY B 319 15.20 -7.45 -20.42
CA GLY B 319 14.63 -7.05 -19.12
C GLY B 319 15.20 -7.72 -17.91
N PRO B 320 14.74 -7.37 -16.69
CA PRO B 320 15.26 -7.99 -15.49
C PRO B 320 14.63 -9.36 -15.24
N MET B 321 15.26 -10.21 -14.43
CA MET B 321 14.71 -11.52 -14.13
C MET B 321 13.72 -11.41 -12.99
N LEU B 322 12.48 -11.06 -13.32
CA LEU B 322 11.47 -10.84 -12.30
C LEU B 322 10.19 -11.51 -12.78
N ALA B 323 9.35 -11.90 -11.83
CA ALA B 323 8.16 -12.63 -12.17
C ALA B 323 7.14 -11.84 -12.95
N HIS B 324 6.91 -10.59 -12.56
CA HIS B 324 5.90 -9.79 -13.27
C HIS B 324 6.37 -9.49 -14.70
N LYS B 325 7.70 -9.48 -14.91
CA LYS B 325 8.19 -9.25 -16.27
C LYS B 325 7.82 -10.48 -17.12
N ALA B 326 8.09 -11.68 -16.59
CA ALA B 326 7.78 -12.91 -17.31
C ALA B 326 6.27 -12.99 -17.57
N GLU B 327 5.49 -12.60 -16.57
CA GLU B 327 4.05 -12.64 -16.73
C GLU B 327 3.57 -11.69 -17.85
N ASP B 328 4.10 -10.48 -17.88
CA ASP B 328 3.67 -9.56 -18.93
C ASP B 328 4.19 -10.03 -20.31
N GLU B 329 5.36 -10.68 -20.33
CA GLU B 329 5.87 -11.19 -21.60
C GLU B 329 4.98 -12.35 -22.05
N GLY B 330 4.51 -13.16 -21.11
CA GLY B 330 3.61 -14.26 -21.45
C GLY B 330 2.31 -13.74 -22.09
N VAL B 331 1.73 -12.71 -21.51
CA VAL B 331 0.50 -12.15 -22.07
C VAL B 331 0.77 -11.59 -23.45
N ALA B 332 1.82 -10.78 -23.55
CA ALA B 332 2.15 -10.16 -24.85
C ALA B 332 2.47 -11.20 -25.92
N CYS B 333 3.22 -12.25 -25.57
CA CYS B 333 3.55 -13.26 -26.54
C CYS B 333 2.29 -14.00 -27.01
N ALA B 334 1.43 -14.36 -26.07
CA ALA B 334 0.18 -15.06 -26.42
C ALA B 334 -0.63 -14.14 -27.37
N GLU B 335 -0.71 -12.86 -27.05
CA GLU B 335 -1.45 -11.93 -27.90
C GLU B 335 -0.86 -11.85 -29.29
N ILE B 336 0.46 -11.76 -29.39
CA ILE B 336 1.12 -11.74 -30.68
C ILE B 336 0.80 -13.02 -31.46
N LEU B 337 0.89 -14.19 -30.82
CA LEU B 337 0.56 -15.43 -31.54
C LEU B 337 -0.90 -15.48 -32.04
N ALA B 338 -1.81 -14.72 -31.42
CA ALA B 338 -3.25 -14.72 -31.82
C ALA B 338 -3.52 -13.62 -32.86
N GLY B 339 -2.46 -12.97 -33.29
CA GLY B 339 -2.59 -11.92 -34.31
C GLY B 339 -2.88 -10.56 -33.72
N LYS B 340 -2.70 -10.45 -32.41
CA LYS B 340 -2.91 -9.16 -31.79
C LYS B 340 -1.59 -8.47 -31.49
N PRO B 341 -1.65 -7.16 -31.36
CA PRO B 341 -0.47 -6.34 -31.08
C PRO B 341 -0.13 -6.38 -29.60
N GLY B 342 0.83 -7.21 -29.24
CA GLY B 342 1.18 -7.27 -27.85
C GLY B 342 2.52 -6.60 -27.70
N HIS B 343 2.77 -6.08 -26.51
CA HIS B 343 4.07 -5.49 -26.27
C HIS B 343 4.22 -5.24 -24.76
N VAL B 344 5.47 -5.12 -24.36
CA VAL B 344 5.81 -4.90 -22.97
C VAL B 344 6.57 -3.60 -22.93
N ASN B 345 6.33 -2.81 -21.89
CA ASN B 345 7.04 -1.54 -21.76
C ASN B 345 8.22 -1.81 -20.80
N TYR B 346 9.38 -2.10 -21.37
CA TYR B 346 10.54 -2.39 -20.56
C TYR B 346 11.06 -1.18 -19.78
N GLY B 347 10.62 0.02 -20.09
CA GLY B 347 11.07 1.19 -19.35
C GLY B 347 10.25 1.36 -18.05
N VAL B 348 9.20 0.56 -17.87
CA VAL B 348 8.38 0.69 -16.66
C VAL B 348 8.13 -0.71 -16.06
N ILE B 349 9.15 -1.27 -15.45
CA ILE B 349 9.01 -2.60 -14.84
C ILE B 349 9.50 -2.34 -13.42
N PRO B 350 8.61 -2.42 -12.44
CA PRO B 350 9.09 -2.16 -11.07
C PRO B 350 9.94 -3.32 -10.47
N ALA B 351 10.62 -3.03 -9.34
CA ALA B 351 11.45 -4.04 -8.66
C ALA B 351 11.17 -3.72 -7.17
N VAL B 352 10.90 -4.75 -6.38
CA VAL B 352 10.59 -4.56 -4.96
C VAL B 352 11.47 -5.50 -4.11
N ILE B 353 11.93 -5.01 -2.94
CA ILE B 353 12.72 -5.80 -2.00
C ILE B 353 11.79 -5.86 -0.81
N TYR B 354 11.42 -7.07 -0.38
CA TYR B 354 10.45 -7.21 0.69
C TYR B 354 11.04 -7.30 2.10
N THR B 355 12.18 -6.65 2.28
CA THR B 355 12.74 -6.53 3.63
C THR B 355 11.78 -5.53 4.33
N MET B 356 12.10 -5.14 5.56
CA MET B 356 11.28 -4.16 6.29
C MET B 356 12.32 -3.19 6.84
N PRO B 357 12.32 -1.93 6.38
CA PRO B 357 11.41 -1.34 5.40
C PRO B 357 11.59 -1.97 4.04
N GLU B 358 10.57 -1.82 3.21
CA GLU B 358 10.62 -2.36 1.85
C GLU B 358 11.27 -1.31 0.96
N VAL B 359 11.72 -1.71 -0.23
CA VAL B 359 12.30 -0.81 -1.19
C VAL B 359 11.58 -1.09 -2.49
N ALA B 360 11.09 -0.08 -3.18
CA ALA B 360 10.45 -0.29 -4.48
C ALA B 360 10.98 0.80 -5.40
N SER B 361 11.28 0.42 -6.64
CA SER B 361 11.84 1.32 -7.65
C SER B 361 11.20 1.08 -8.96
N VAL B 362 11.06 2.14 -9.75
CA VAL B 362 10.63 1.96 -11.12
C VAL B 362 11.29 3.07 -11.93
N GLY B 363 11.61 2.78 -13.16
CA GLY B 363 12.25 3.79 -14.01
C GLY B 363 13.74 3.90 -13.72
N LYS B 364 14.31 5.06 -14.00
CA LYS B 364 15.75 5.21 -13.85
C LYS B 364 16.25 5.63 -12.46
N SER B 365 17.48 5.24 -12.14
CA SER B 365 18.13 5.64 -10.88
C SER B 365 18.94 6.94 -11.16
N GLU B 366 19.40 7.60 -10.10
CA GLU B 366 20.23 8.78 -10.33
C GLU B 366 21.54 8.36 -11.02
N ASP B 367 22.16 7.27 -10.55
CA ASP B 367 23.40 6.77 -11.15
C ASP B 367 23.23 6.63 -12.65
N GLU B 368 22.10 6.12 -13.11
CA GLU B 368 21.92 5.99 -14.57
C GLU B 368 21.72 7.32 -15.26
N LEU B 369 20.99 8.23 -14.63
CA LEU B 369 20.78 9.53 -15.27
C LEU B 369 22.10 10.28 -15.40
N LYS B 370 22.94 10.20 -14.36
CA LYS B 370 24.24 10.85 -14.37
C LYS B 370 25.05 10.23 -15.51
N LYS B 371 25.06 8.91 -15.57
CA LYS B 371 25.79 8.22 -16.63
C LYS B 371 25.32 8.65 -18.03
N GLU B 372 24.02 8.90 -18.20
CA GLU B 372 23.48 9.29 -19.50
C GLU B 372 23.52 10.79 -19.74
N GLY B 373 23.99 11.54 -18.76
CA GLY B 373 24.05 12.99 -18.93
C GLY B 373 22.72 13.72 -18.97
N VAL B 374 21.67 13.15 -18.38
CA VAL B 374 20.36 13.79 -18.37
C VAL B 374 20.31 14.84 -17.27
N ALA B 375 19.82 16.04 -17.57
CA ALA B 375 19.70 17.05 -16.51
C ALA B 375 18.35 16.78 -15.82
N TYR B 376 18.43 16.49 -14.53
CA TYR B 376 17.23 16.12 -13.78
C TYR B 376 17.14 16.89 -12.48
N LYS B 377 15.94 16.88 -11.91
CA LYS B 377 15.65 17.53 -10.65
C LYS B 377 15.23 16.37 -9.71
N VAL B 378 15.54 16.48 -8.42
CA VAL B 378 15.16 15.46 -7.44
C VAL B 378 14.15 16.03 -6.45
N GLY B 379 13.03 15.33 -6.21
CA GLY B 379 12.10 15.77 -5.19
C GLY B 379 12.19 14.66 -4.15
N LYS B 380 12.42 14.97 -2.88
CA LYS B 380 12.53 13.93 -1.88
C LYS B 380 11.70 14.30 -0.65
N PHE B 381 10.93 13.35 -0.14
CA PHE B 381 10.10 13.64 1.01
C PHE B 381 10.35 12.51 1.98
N PRO B 382 10.78 12.84 3.21
CA PRO B 382 11.04 11.76 4.18
C PRO B 382 9.82 11.31 4.94
N PHE B 383 9.76 10.02 5.29
CA PHE B 383 8.59 9.56 6.02
C PHE B 383 8.47 10.06 7.43
N ASN B 384 9.57 10.65 7.96
CA ASN B 384 9.46 11.20 9.30
C ASN B 384 8.66 12.53 9.24
N ALA B 385 8.22 12.91 8.06
CA ALA B 385 7.37 14.10 7.95
C ALA B 385 5.97 13.70 7.40
N ASN B 386 5.74 12.40 7.22
CA ASN B 386 4.45 11.94 6.67
C ASN B 386 3.42 11.66 7.77
N SER B 387 2.17 12.09 7.55
CA SER B 387 1.10 11.95 8.51
C SER B 387 0.88 10.52 8.99
N ARG B 388 0.71 9.57 8.08
CA ARG B 388 0.46 8.21 8.52
C ARG B 388 1.66 7.53 9.22
N ALA B 389 2.84 7.71 8.65
CA ALA B 389 4.04 7.12 9.20
C ALA B 389 4.25 7.66 10.64
N LYS B 390 4.03 8.97 10.86
CA LYS B 390 4.19 9.50 12.23
C LYS B 390 3.08 8.99 13.15
N ALA B 391 1.85 8.93 12.62
CA ALA B 391 0.74 8.44 13.44
C ALA B 391 0.95 7.03 13.97
N VAL B 392 1.57 6.14 13.18
CA VAL B 392 1.75 4.76 13.63
C VAL B 392 3.20 4.46 14.00
N SER B 393 4.00 5.51 14.03
CA SER B 393 5.39 5.41 14.43
C SER B 393 6.29 4.46 13.62
N THR B 394 6.20 4.49 12.30
CA THR B 394 7.05 3.65 11.46
C THR B 394 7.56 4.68 10.43
N GLU B 395 8.48 5.50 10.90
CA GLU B 395 9.01 6.62 10.13
C GLU B 395 10.21 6.43 9.26
N ASP B 396 10.71 5.21 9.13
CA ASP B 396 11.91 5.04 8.29
C ASP B 396 11.64 5.33 6.79
N GLY B 397 12.67 5.85 6.12
CA GLY B 397 12.66 6.00 4.68
C GLY B 397 12.23 7.30 4.05
N PHE B 398 12.03 7.23 2.73
CA PHE B 398 11.63 8.40 2.01
C PHE B 398 11.16 8.02 0.63
N VAL B 399 10.61 9.02 -0.09
CA VAL B 399 10.21 8.85 -1.46
C VAL B 399 11.10 9.80 -2.24
N LYS B 400 11.68 9.34 -3.34
CA LYS B 400 12.52 10.18 -4.15
C LYS B 400 11.96 10.07 -5.58
N VAL B 401 11.67 11.23 -6.18
CA VAL B 401 11.15 11.31 -7.52
C VAL B 401 12.17 12.08 -8.35
N LEU B 402 12.50 11.52 -9.51
CA LEU B 402 13.47 12.16 -10.41
C LEU B 402 12.71 12.66 -11.63
N VAL B 403 12.87 13.95 -11.97
CA VAL B 403 12.17 14.44 -13.13
C VAL B 403 13.15 15.11 -14.09
N ASP B 404 12.74 15.14 -15.35
CA ASP B 404 13.51 15.80 -16.42
C ASP B 404 13.44 17.29 -16.08
N LYS B 405 14.59 17.93 -15.83
CA LYS B 405 14.55 19.34 -15.45
C LYS B 405 13.90 20.24 -16.47
N ALA B 406 13.85 19.81 -17.72
CA ALA B 406 13.25 20.62 -18.76
C ALA B 406 11.74 20.45 -18.91
N THR B 407 11.26 19.20 -18.90
CA THR B 407 9.85 18.93 -19.14
C THR B 407 8.97 18.49 -17.95
N ASP B 408 9.56 18.33 -16.78
CA ASP B 408 8.88 17.89 -15.56
C ASP B 408 8.41 16.41 -15.68
N ARG B 409 8.84 15.69 -16.70
CA ARG B 409 8.40 14.31 -16.80
C ARG B 409 9.08 13.43 -15.76
N ILE B 410 8.29 12.56 -15.13
CA ILE B 410 8.89 11.68 -14.14
C ILE B 410 9.78 10.62 -14.82
N LEU B 411 11.03 10.55 -14.39
CA LEU B 411 11.99 9.59 -14.99
C LEU B 411 12.23 8.34 -14.14
N GLY B 412 11.95 8.48 -12.86
CA GLY B 412 12.18 7.36 -11.95
C GLY B 412 11.57 7.71 -10.59
N VAL B 413 11.21 6.68 -9.83
CA VAL B 413 10.61 6.85 -8.51
C VAL B 413 11.21 5.75 -7.66
N HIS B 414 11.67 6.12 -6.47
CA HIS B 414 12.30 5.18 -5.58
C HIS B 414 11.71 5.41 -4.20
N ILE B 415 11.32 4.32 -3.56
CA ILE B 415 10.66 4.43 -2.28
C ILE B 415 11.21 3.46 -1.27
N VAL B 416 11.45 3.95 -0.07
CA VAL B 416 11.89 3.09 1.01
C VAL B 416 10.89 3.39 2.12
N CYS B 417 10.13 2.39 2.53
CA CYS B 417 9.20 2.56 3.65
C CYS B 417 8.49 1.24 3.89
N THR B 418 7.69 1.18 4.94
CA THR B 418 7.05 -0.09 5.26
C THR B 418 6.09 -0.63 4.22
N THR B 419 5.60 0.23 3.34
CA THR B 419 4.59 -0.20 2.39
C THR B 419 4.98 0.15 0.95
N ALA B 420 6.28 0.19 0.67
CA ALA B 420 6.77 0.59 -0.66
C ALA B 420 6.25 -0.28 -1.80
N GLY B 421 6.16 -1.59 -1.55
CA GLY B 421 5.70 -2.51 -2.59
C GLY B 421 4.32 -2.15 -3.17
N GLU B 422 3.38 -1.77 -2.31
CA GLU B 422 2.06 -1.40 -2.78
C GLU B 422 2.02 0.05 -3.30
N LEU B 423 2.89 0.92 -2.80
CA LEU B 423 2.91 2.30 -3.29
C LEU B 423 3.42 2.46 -4.73
N ILE B 424 4.32 1.58 -5.15
CA ILE B 424 4.95 1.72 -6.46
C ILE B 424 3.96 1.56 -7.63
N GLY B 425 2.83 0.85 -7.42
CA GLY B 425 1.86 0.71 -8.49
C GLY B 425 1.42 2.08 -9.01
N GLU B 426 1.20 3.03 -8.11
CA GLU B 426 0.79 4.39 -8.53
C GLU B 426 1.86 5.05 -9.43
N ALA B 427 3.12 4.86 -9.06
CA ALA B 427 4.28 5.40 -9.80
C ALA B 427 4.39 4.71 -11.15
N CYS B 428 4.09 3.42 -11.19
CA CYS B 428 4.14 2.68 -12.47
C CYS B 428 3.10 3.23 -13.44
N LEU B 429 1.88 3.46 -12.95
CA LEU B 429 0.81 3.97 -13.82
C LEU B 429 1.21 5.37 -14.31
N ALA B 430 1.76 6.16 -13.39
CA ALA B 430 2.23 7.49 -13.74
C ALA B 430 3.22 7.45 -14.89
N MET B 431 4.19 6.54 -14.82
CA MET B 431 5.21 6.50 -15.86
C MET B 431 4.72 5.89 -17.16
N GLU B 432 3.82 4.92 -17.04
CA GLU B 432 3.22 4.28 -18.20
C GLU B 432 2.53 5.39 -19.03
N TYR B 433 1.93 6.35 -18.32
CA TYR B 433 1.21 7.49 -18.91
C TYR B 433 2.11 8.67 -19.26
N GLY B 434 3.38 8.62 -18.92
CA GLY B 434 4.25 9.75 -19.21
C GLY B 434 3.91 10.97 -18.35
N ALA B 435 3.40 10.75 -17.14
CA ALA B 435 3.07 11.86 -16.26
C ALA B 435 4.24 12.77 -15.82
N SER B 436 3.90 14.01 -15.51
CA SER B 436 4.85 14.97 -14.99
C SER B 436 4.67 14.95 -13.45
N SER B 437 5.59 15.52 -12.71
CA SER B 437 5.43 15.53 -11.28
C SER B 437 4.20 16.34 -10.89
N GLU B 438 3.88 17.36 -11.69
CA GLU B 438 2.74 18.19 -11.38
C GLU B 438 1.41 17.40 -11.50
N ASP B 439 1.33 16.50 -12.47
CA ASP B 439 0.16 15.68 -12.65
C ASP B 439 -0.15 14.87 -11.36
N VAL B 440 0.90 14.28 -10.78
CA VAL B 440 0.72 13.47 -9.57
C VAL B 440 0.52 14.36 -8.37
N GLY B 441 1.32 15.42 -8.31
CA GLY B 441 1.23 16.36 -7.22
C GLY B 441 -0.12 17.04 -7.06
N ARG B 442 -0.83 17.25 -8.17
CA ARG B 442 -2.12 17.89 -8.06
C ARG B 442 -3.29 16.91 -7.90
N THR B 443 -3.00 15.62 -7.77
CA THR B 443 -4.07 14.63 -7.63
C THR B 443 -4.38 14.54 -6.13
N CYS B 444 -5.63 14.39 -5.79
CA CYS B 444 -6.00 14.33 -4.38
C CYS B 444 -5.58 12.95 -3.83
N HIS B 445 -4.79 12.92 -2.76
CA HIS B 445 -4.43 11.62 -2.18
C HIS B 445 -5.10 11.57 -0.81
N ALA B 446 -5.60 10.40 -0.42
CA ALA B 446 -6.28 10.31 0.86
C ALA B 446 -5.33 10.62 2.02
N HIS B 447 -5.90 11.20 3.08
CA HIS B 447 -5.13 11.59 4.29
C HIS B 447 -5.74 10.87 5.50
N PRO B 448 -4.93 10.22 6.35
CA PRO B 448 -3.47 10.09 6.27
C PRO B 448 -3.05 8.79 5.55
N THR B 449 -2.18 8.92 4.56
CA THR B 449 -1.64 7.73 3.92
C THR B 449 -0.18 7.97 3.57
N MET B 450 0.57 6.88 3.43
CA MET B 450 1.94 7.03 3.03
C MET B 450 1.98 7.48 1.56
N SER B 451 0.91 7.24 0.79
CA SER B 451 0.94 7.71 -0.62
C SER B 451 1.05 9.27 -0.66
N GLU B 452 0.70 9.95 0.42
CA GLU B 452 0.87 11.42 0.42
C GLU B 452 2.35 11.82 0.24
N ALA B 453 3.27 10.95 0.63
CA ALA B 453 4.70 11.26 0.51
C ALA B 453 5.07 11.28 -0.99
N LEU B 454 4.38 10.48 -1.79
CA LEU B 454 4.63 10.49 -3.23
C LEU B 454 4.09 11.82 -3.81
N LYS B 455 2.89 12.19 -3.38
CA LYS B 455 2.28 13.45 -3.83
C LYS B 455 3.21 14.62 -3.46
N GLU B 456 3.69 14.63 -2.22
CA GLU B 456 4.54 15.74 -1.82
C GLU B 456 5.95 15.75 -2.39
N ALA B 457 6.51 14.56 -2.66
CA ALA B 457 7.84 14.52 -3.27
C ALA B 457 7.63 15.09 -4.69
N CYS B 458 6.49 14.81 -5.32
CA CYS B 458 6.23 15.39 -6.65
C CYS B 458 6.08 16.91 -6.53
N MET B 459 5.40 17.38 -5.47
CA MET B 459 5.25 18.82 -5.29
C MET B 459 6.60 19.49 -5.10
N ALA B 460 7.57 18.77 -4.55
CA ALA B 460 8.89 19.36 -4.32
C ALA B 460 9.59 19.57 -5.66
N LEU B 461 9.11 18.90 -6.72
CA LEU B 461 9.74 19.07 -8.02
C LEU B 461 9.19 20.29 -8.72
N PHE B 462 7.87 20.35 -8.93
CA PHE B 462 7.33 21.52 -9.65
C PHE B 462 7.02 22.75 -8.81
N ALA B 463 7.01 22.61 -7.49
CA ALA B 463 6.70 23.71 -6.61
C ALA B 463 7.47 23.47 -5.34
N LYS B 464 6.77 23.47 -4.19
CA LYS B 464 7.41 23.14 -2.91
C LYS B 464 6.48 22.15 -2.20
N THR B 465 7.04 21.28 -1.36
CA THR B 465 6.20 20.35 -0.60
C THR B 465 5.55 21.24 0.48
N ILE B 466 4.49 20.74 1.11
CA ILE B 466 3.78 21.51 2.11
C ILE B 466 4.23 21.15 3.50
N ASN B 467 4.34 19.84 3.73
CA ASN B 467 4.66 19.33 5.04
C ASN B 467 6.12 19.07 5.38
N PHE B 468 7.01 19.60 4.55
CA PHE B 468 8.43 19.47 4.80
C PHE B 468 9.07 20.67 4.12
#